data_1R4L
#
_entry.id   1R4L
#
_cell.length_a   100.531
_cell.length_b   86.509
_cell.length_c   105.858
_cell.angle_alpha   90.00
_cell.angle_beta   103.65
_cell.angle_gamma   90.00
#
_symmetry.space_group_name_H-M   'C 1 2 1'
#
loop_
_entity.id
_entity.type
_entity.pdbx_description
1 polymer 'angiotensin I converting enzyme 2'
2 polymer 'disordered segment of collectrin homology domain'
3 polymer 'disordered segment of collectrin homology domain'
4 polymer 'disordered segment of collectrin homology domain'
5 polymer 'disordered segment of collectrin homology domain'
6 non-polymer 2-acetamido-2-deoxy-beta-D-glucopyranose
7 non-polymer 'CHLORIDE ION'
8 non-polymer 'ZINC ION'
9 non-polymer '(S,S)-2-{1-CARBOXY-2-[3-(3,5-DICHLORO-BENZYL)-3H-IMIDAZOL-4-YL]-ETHYLAMINO}-4-METHYL-PENTANOIC ACID'
10 water water
#
loop_
_entity_poly.entity_id
_entity_poly.type
_entity_poly.pdbx_seq_one_letter_code
_entity_poly.pdbx_strand_id
1 'polypeptide(L)'
;MSSSSWLLLSLVAVTAAQSTIEEQAKTFLDKFNHEAEDLFYQSSLASWNYNTNITEENVQNMNNAGDKWSAFLKEQSTLA
QMYPLQEIQNLTVKLQLQALQQNGSSVLSEDKSKRLNTILNTMSTIYSTGKVCNPDNPQECLLLEPGLNEIMANSLDYNE
RLWAWESWRSEVGKQLRPLYEEYVVLKNEMARANHYEDYGDYWRGDYEVNGVDGYDYSRGQLIEDVEHTFEEIKPLYEHL
HAYVRAKLMNAYPSYISPIGCLPAHLLGDMWGRFWTNLYSLTVPFGQKPNIDVTDAMVDQAWDAQRIFKEAEKFFVSVGL
PNMTQGFWENSMLTDPGNVQKAVCHPTAWDLGKGDFRILMCTKVTMDDFLTAHHEMGHIQYDMAYAAQPFLLRNGANEGF
HEAVGEIMSLSAATPKHLKSIGLLSPDFQEDNETEINFLLKQALTIVGTLPFTYMLEKWRWMVFKGEIPKDQWMKKWWEM
KREIVGVVEPVPHDETYCDPASLFHVSNDYSFIRYYTRTLYQFQFQEALCQAAKHEGPLHKCDISNSTEAGQKLFNMLRL
GKSEPWTLALENVVGAKNMNVRPLLNYFEPLFTWLKDQNKNSFVGWSTDWSPYAD
;
A
2 'polypeptide(L)' (UNK)(UNK)(UNK)(UNK)(UNK)(UNK) B
3 'polypeptide(L)'
;(UNK)(UNK)(UNK)(UNK)(UNK)(UNK)(UNK)(UNK)(UNK)(UNK)(UNK)(UNK)(UNK)(UNK)(UNK)(UNK)
(UNK)(UNK)(UNK)(UNK)
;
C
4 'polypeptide(L)'
;(UNK)(UNK)(UNK)(UNK)(UNK)(UNK)(UNK)(UNK)(UNK)(UNK)(UNK)(UNK)(UNK)(UNK)(UNK)(UNK)
(UNK)(UNK)
;
D
5 'polypeptide(L)' (UNK)(UNK)(UNK)(UNK)(UNK)(UNK)(UNK)(UNK)(UNK)(UNK)(UNK)(UNK)(UNK)(UNK) E
#
loop_
_chem_comp.id
_chem_comp.type
_chem_comp.name
_chem_comp.formula
CL non-polymer 'CHLORIDE ION' 'Cl -1'
NAG D-saccharide, beta linking 2-acetamido-2-deoxy-beta-D-glucopyranose 'C8 H15 N O6'
XX5 non-polymer '(S,S)-2-{1-CARBOXY-2-[3-(3,5-DICHLORO-BENZYL)-3H-IMIDAZOL-4-YL]-ETHYLAMINO}-4-METHYL-PENTANOIC ACID' 'C19 H23 Cl2 N3 O4'
ZN non-polymer 'ZINC ION' 'Zn 2'
#
# COMPACT_ATOMS: atom_id res chain seq x y z
N SER A 19 -10.01 -1.64 -48.66
CA SER A 19 -8.72 -1.55 -47.89
C SER A 19 -8.57 -2.70 -46.91
N THR A 20 -7.33 -2.99 -46.52
CA THR A 20 -7.02 -4.07 -45.58
C THR A 20 -8.00 -4.06 -44.39
N ILE A 21 -8.06 -5.17 -43.67
CA ILE A 21 -8.93 -5.28 -42.51
C ILE A 21 -8.15 -4.81 -41.27
N GLU A 22 -6.83 -4.81 -41.40
CA GLU A 22 -5.96 -4.34 -40.34
C GLU A 22 -5.96 -2.84 -40.54
N GLU A 23 -7.12 -2.32 -40.94
CA GLU A 23 -7.27 -0.91 -41.18
C GLU A 23 -8.63 -0.45 -40.66
N GLN A 24 -9.59 -1.37 -40.63
CA GLN A 24 -10.93 -1.05 -40.13
C GLN A 24 -10.78 -0.85 -38.63
N ALA A 25 -9.62 -1.24 -38.12
CA ALA A 25 -9.31 -1.13 -36.70
C ALA A 25 -8.34 0.02 -36.47
N LYS A 26 -7.36 0.17 -37.37
CA LYS A 26 -6.38 1.23 -37.25
C LYS A 26 -7.07 2.59 -37.18
N THR A 27 -8.40 2.54 -37.30
CA THR A 27 -9.25 3.71 -37.23
C THR A 27 -10.18 3.48 -36.04
N PHE A 28 -10.89 2.34 -36.09
CA PHE A 28 -11.81 1.96 -35.03
C PHE A 28 -11.20 2.25 -33.66
N LEU A 29 -9.88 2.11 -33.58
CA LEU A 29 -9.17 2.37 -32.35
C LEU A 29 -9.06 3.87 -32.13
N ASP A 30 -8.59 4.58 -33.17
CA ASP A 30 -8.43 6.02 -33.09
C ASP A 30 -9.76 6.76 -32.94
N LYS A 31 -10.82 6.18 -33.48
CA LYS A 31 -12.14 6.79 -33.38
C LYS A 31 -12.53 6.57 -31.92
N PHE A 32 -11.81 5.66 -31.26
CA PHE A 32 -12.05 5.33 -29.86
C PHE A 32 -11.20 6.21 -28.94
N ASN A 33 -9.91 6.30 -29.21
CA ASN A 33 -9.01 7.11 -28.40
C ASN A 33 -9.48 8.56 -28.23
N HIS A 34 -10.42 8.98 -29.06
CA HIS A 34 -10.88 10.36 -29.01
C HIS A 34 -12.15 10.60 -28.28
N GLU A 35 -13.08 9.64 -28.31
CA GLU A 35 -14.32 9.83 -27.57
C GLU A 35 -14.06 9.43 -26.12
N ALA A 36 -13.33 8.33 -25.95
CA ALA A 36 -12.98 7.81 -24.64
C ALA A 36 -12.32 8.89 -23.77
N GLU A 37 -11.19 9.42 -24.23
CA GLU A 37 -10.48 10.44 -23.47
C GLU A 37 -11.43 11.44 -22.83
N ASP A 38 -12.33 12.01 -23.62
CA ASP A 38 -13.30 12.98 -23.09
C ASP A 38 -14.31 12.29 -22.21
N LEU A 39 -14.84 11.18 -22.68
CA LEU A 39 -15.83 10.41 -21.96
C LEU A 39 -15.24 9.96 -20.63
N PHE A 40 -13.93 9.70 -20.63
CA PHE A 40 -13.22 9.31 -19.44
C PHE A 40 -13.17 10.53 -18.55
N TYR A 41 -12.45 11.55 -19.01
CA TYR A 41 -12.30 12.82 -18.31
C TYR A 41 -13.64 13.29 -17.74
N GLN A 42 -14.73 12.88 -18.37
CA GLN A 42 -16.05 13.27 -17.89
C GLN A 42 -16.28 12.54 -16.57
N SER A 43 -15.75 11.33 -16.46
CA SER A 43 -15.88 10.55 -15.24
C SER A 43 -14.79 11.00 -14.24
N SER A 44 -13.53 10.94 -14.65
CA SER A 44 -12.42 11.37 -13.78
C SER A 44 -12.74 12.68 -13.07
N LEU A 45 -13.38 13.61 -13.77
CA LEU A 45 -13.73 14.90 -13.19
C LEU A 45 -14.78 14.79 -12.13
N ALA A 46 -15.85 14.04 -12.40
CA ALA A 46 -16.92 13.87 -11.44
C ALA A 46 -16.39 12.99 -10.33
N SER A 47 -15.68 11.96 -10.74
CA SER A 47 -15.07 10.99 -9.84
C SER A 47 -14.17 11.74 -8.87
N TRP A 48 -13.63 12.87 -9.31
CA TRP A 48 -12.76 13.67 -8.48
C TRP A 48 -13.53 14.53 -7.50
N ASN A 49 -14.70 15.03 -7.91
CA ASN A 49 -15.49 15.86 -7.01
C ASN A 49 -15.84 15.04 -5.77
N TYR A 50 -15.95 13.72 -5.96
CA TYR A 50 -16.27 12.83 -4.86
C TYR A 50 -15.09 12.72 -3.90
N ASN A 51 -13.98 12.19 -4.39
CA ASN A 51 -12.81 12.03 -3.56
C ASN A 51 -12.31 13.34 -2.99
N THR A 52 -13.02 14.43 -3.23
CA THR A 52 -12.60 15.71 -2.71
C THR A 52 -13.70 16.33 -1.84
N ASN A 53 -14.88 15.71 -1.87
CA ASN A 53 -16.03 16.16 -1.10
C ASN A 53 -17.07 15.06 -1.13
N ILE A 54 -17.09 14.22 -0.10
CA ILE A 54 -18.02 13.12 -0.06
C ILE A 54 -19.44 13.56 0.31
N THR A 55 -19.94 14.56 -0.42
CA THR A 55 -21.29 15.07 -0.20
C THR A 55 -22.22 13.88 -0.41
N GLU A 56 -22.67 13.76 -1.65
CA GLU A 56 -23.57 12.70 -2.08
C GLU A 56 -24.00 13.17 -3.46
N GLU A 57 -24.41 14.42 -3.54
CA GLU A 57 -24.80 14.99 -4.81
C GLU A 57 -23.65 14.66 -5.73
N ASN A 58 -22.44 14.70 -5.17
CA ASN A 58 -21.22 14.41 -5.90
C ASN A 58 -21.10 12.92 -6.17
N VAL A 59 -21.62 12.11 -5.26
CA VAL A 59 -21.57 10.66 -5.45
C VAL A 59 -22.27 10.31 -6.75
N GLN A 60 -23.56 10.63 -6.83
CA GLN A 60 -24.36 10.35 -8.02
C GLN A 60 -23.70 10.87 -9.28
N ASN A 61 -23.43 12.16 -9.31
CA ASN A 61 -22.78 12.77 -10.47
C ASN A 61 -21.67 11.84 -10.92
N MET A 62 -20.91 11.34 -9.95
CA MET A 62 -19.80 10.43 -10.23
C MET A 62 -20.28 9.11 -10.79
N ASN A 63 -21.03 8.34 -10.01
CA ASN A 63 -21.51 7.04 -10.50
C ASN A 63 -22.59 7.18 -11.56
N ASN A 64 -22.49 8.25 -12.32
CA ASN A 64 -23.39 8.57 -13.43
C ASN A 64 -22.41 8.77 -14.59
N ALA A 65 -21.30 9.42 -14.29
CA ALA A 65 -20.26 9.69 -15.27
C ALA A 65 -19.57 8.42 -15.72
N GLY A 66 -19.31 7.53 -14.76
CA GLY A 66 -18.66 6.27 -15.06
C GLY A 66 -19.65 5.20 -15.46
N ASP A 67 -20.92 5.42 -15.11
CA ASP A 67 -21.96 4.48 -15.44
C ASP A 67 -22.22 4.54 -16.94
N LYS A 68 -21.97 5.71 -17.54
CA LYS A 68 -22.13 5.89 -18.98
C LYS A 68 -20.87 5.42 -19.65
N TRP A 69 -19.73 5.73 -19.03
CA TRP A 69 -18.45 5.29 -19.58
C TRP A 69 -18.51 3.77 -19.53
N SER A 70 -19.26 3.27 -18.55
CA SER A 70 -19.45 1.85 -18.39
C SER A 70 -20.15 1.40 -19.68
N ALA A 71 -21.35 1.94 -19.88
CA ALA A 71 -22.18 1.66 -21.06
C ALA A 71 -21.44 1.95 -22.37
N PHE A 72 -20.57 2.95 -22.36
CA PHE A 72 -19.79 3.29 -23.55
C PHE A 72 -18.81 2.18 -23.87
N LEU A 73 -17.94 1.90 -22.92
CA LEU A 73 -16.92 0.88 -23.07
C LEU A 73 -17.56 -0.48 -23.33
N LYS A 74 -18.65 -0.76 -22.63
CA LYS A 74 -19.34 -2.02 -22.81
C LYS A 74 -19.72 -2.16 -24.28
N GLU A 75 -20.53 -1.23 -24.75
CA GLU A 75 -20.98 -1.22 -26.14
C GLU A 75 -19.80 -1.34 -27.10
N GLN A 76 -18.81 -0.46 -26.97
CA GLN A 76 -17.66 -0.52 -27.85
C GLN A 76 -16.84 -1.81 -27.71
N SER A 77 -17.30 -2.72 -26.86
CA SER A 77 -16.59 -3.97 -26.68
C SER A 77 -17.09 -4.93 -27.75
N THR A 78 -18.39 -4.89 -27.99
CA THR A 78 -18.99 -5.74 -29.00
C THR A 78 -18.65 -5.19 -30.36
N LEU A 79 -18.78 -3.87 -30.51
CA LEU A 79 -18.47 -3.19 -31.76
C LEU A 79 -16.97 -3.26 -32.02
N ALA A 80 -16.27 -4.00 -31.17
CA ALA A 80 -14.82 -4.15 -31.27
C ALA A 80 -14.41 -5.57 -31.66
N GLN A 81 -14.99 -6.55 -30.97
CA GLN A 81 -14.69 -7.95 -31.24
C GLN A 81 -15.21 -8.36 -32.62
N MET A 82 -15.78 -7.40 -33.34
CA MET A 82 -16.29 -7.64 -34.69
C MET A 82 -15.09 -7.88 -35.60
N TYR A 83 -13.89 -7.63 -35.06
CA TYR A 83 -12.65 -7.83 -35.80
C TYR A 83 -11.99 -9.11 -35.30
N PRO A 84 -11.74 -10.07 -36.20
CA PRO A 84 -11.10 -11.32 -35.78
C PRO A 84 -9.79 -11.11 -35.05
N LEU A 85 -9.40 -12.09 -34.23
CA LEU A 85 -8.17 -12.02 -33.46
C LEU A 85 -7.00 -11.42 -34.23
N GLN A 86 -6.21 -12.29 -34.86
CA GLN A 86 -5.05 -11.86 -35.65
C GLN A 86 -5.46 -10.97 -36.81
N GLU A 87 -5.10 -11.39 -38.02
CA GLU A 87 -5.42 -10.65 -39.23
C GLU A 87 -4.97 -9.20 -39.04
N ILE A 88 -3.96 -9.02 -38.20
CA ILE A 88 -3.43 -7.70 -37.90
C ILE A 88 -1.92 -7.73 -37.66
N GLN A 89 -1.22 -6.79 -38.27
CA GLN A 89 0.22 -6.68 -38.13
C GLN A 89 0.58 -5.57 -37.14
N ASN A 90 1.55 -4.73 -37.50
CA ASN A 90 2.02 -3.64 -36.65
C ASN A 90 1.67 -3.93 -35.18
N LEU A 91 2.23 -5.02 -34.67
CA LEU A 91 2.04 -5.52 -33.30
C LEU A 91 1.24 -4.63 -32.34
N THR A 92 1.58 -3.35 -32.27
CA THR A 92 0.86 -2.42 -31.40
C THR A 92 -0.64 -2.52 -31.67
N VAL A 93 -1.05 -2.09 -32.86
CA VAL A 93 -2.46 -2.10 -33.27
C VAL A 93 -3.21 -3.34 -32.79
N LYS A 94 -2.48 -4.44 -32.60
CA LYS A 94 -3.05 -5.71 -32.16
C LYS A 94 -3.28 -5.78 -30.65
N LEU A 95 -2.23 -5.54 -29.88
CA LEU A 95 -2.35 -5.58 -28.42
C LEU A 95 -3.31 -4.52 -27.93
N GLN A 96 -3.39 -3.42 -28.66
CA GLN A 96 -4.29 -2.34 -28.29
C GLN A 96 -5.69 -2.87 -28.47
N LEU A 97 -5.84 -3.74 -29.47
CA LEU A 97 -7.13 -4.34 -29.76
C LEU A 97 -7.51 -5.25 -28.60
N GLN A 98 -6.54 -6.04 -28.13
CA GLN A 98 -6.72 -6.97 -27.02
C GLN A 98 -7.60 -6.45 -25.91
N ALA A 99 -7.18 -5.34 -25.33
CA ALA A 99 -7.92 -4.72 -24.23
C ALA A 99 -9.41 -4.65 -24.52
N LEU A 100 -9.77 -3.82 -25.50
CA LEU A 100 -11.16 -3.61 -25.89
C LEU A 100 -12.02 -4.86 -26.11
N GLN A 101 -11.47 -5.85 -26.81
CA GLN A 101 -12.21 -7.08 -27.09
C GLN A 101 -12.75 -7.77 -25.83
N GLN A 102 -12.02 -7.64 -24.74
CA GLN A 102 -12.43 -8.25 -23.48
C GLN A 102 -13.66 -7.60 -22.88
N ASN A 103 -14.74 -8.35 -22.77
CA ASN A 103 -15.97 -7.84 -22.19
C ASN A 103 -15.55 -7.34 -20.82
N GLY A 104 -15.80 -6.07 -20.54
CA GLY A 104 -15.40 -5.53 -19.26
C GLY A 104 -16.10 -6.22 -18.10
N SER A 105 -16.30 -5.49 -17.01
CA SER A 105 -16.99 -6.05 -15.87
C SER A 105 -18.45 -6.05 -16.30
N SER A 106 -18.68 -5.94 -17.60
CA SER A 106 -20.02 -5.95 -18.19
C SER A 106 -20.51 -7.39 -18.17
N VAL A 107 -19.55 -8.29 -18.12
CA VAL A 107 -19.79 -9.73 -18.07
C VAL A 107 -20.77 -10.05 -16.95
N LEU A 108 -21.02 -9.06 -16.10
CA LEU A 108 -21.93 -9.20 -14.98
C LEU A 108 -23.36 -8.88 -15.37
N SER A 109 -24.28 -9.42 -14.58
CA SER A 109 -25.70 -9.25 -14.78
C SER A 109 -26.16 -7.81 -14.71
N GLU A 110 -25.73 -6.98 -15.66
CA GLU A 110 -26.12 -5.58 -15.72
C GLU A 110 -26.58 -5.03 -14.36
N ASP A 111 -27.86 -5.18 -14.05
CA ASP A 111 -28.40 -4.70 -12.79
C ASP A 111 -27.93 -5.50 -11.59
N LYS A 112 -26.73 -6.07 -11.71
CA LYS A 112 -26.10 -6.85 -10.65
C LYS A 112 -24.84 -6.10 -10.29
N SER A 113 -24.02 -5.83 -11.31
CA SER A 113 -22.79 -5.09 -11.12
C SER A 113 -23.08 -3.80 -10.35
N LYS A 114 -24.33 -3.36 -10.36
CA LYS A 114 -24.73 -2.16 -9.65
C LYS A 114 -24.42 -2.41 -8.19
N ARG A 115 -24.88 -3.54 -7.66
CA ARG A 115 -24.62 -3.86 -6.27
C ARG A 115 -23.13 -3.82 -5.96
N LEU A 116 -22.30 -4.23 -6.92
CA LEU A 116 -20.85 -4.20 -6.71
C LEU A 116 -20.48 -2.77 -6.39
N ASN A 117 -20.88 -1.85 -7.25
CA ASN A 117 -20.59 -0.44 -7.02
C ASN A 117 -21.12 -0.02 -5.67
N THR A 118 -22.41 -0.24 -5.45
CA THR A 118 -23.03 0.08 -4.18
C THR A 118 -22.11 -0.38 -3.05
N ILE A 119 -21.56 -1.59 -3.23
CA ILE A 119 -20.64 -2.18 -2.28
C ILE A 119 -19.31 -1.42 -2.31
N LEU A 120 -18.77 -1.24 -3.52
CA LEU A 120 -17.52 -0.52 -3.71
C LEU A 120 -17.56 0.88 -3.11
N ASN A 121 -18.57 1.65 -3.48
CA ASN A 121 -18.71 3.01 -2.99
C ASN A 121 -18.77 3.09 -1.48
N THR A 122 -19.55 2.23 -0.86
CA THR A 122 -19.64 2.23 0.59
C THR A 122 -18.26 2.01 1.13
N MET A 123 -17.76 0.81 0.92
CA MET A 123 -16.43 0.44 1.39
C MET A 123 -15.52 1.64 1.46
N SER A 124 -15.51 2.43 0.40
CA SER A 124 -14.70 3.63 0.36
C SER A 124 -15.13 4.60 1.44
N THR A 125 -16.38 5.05 1.38
CA THR A 125 -16.88 5.99 2.36
C THR A 125 -16.56 5.48 3.75
N ILE A 126 -17.01 4.27 4.08
CA ILE A 126 -16.75 3.70 5.40
C ILE A 126 -15.31 4.02 5.85
N TYR A 127 -14.36 3.72 4.99
CA TYR A 127 -12.96 3.95 5.28
C TYR A 127 -12.69 5.43 5.53
N SER A 128 -12.85 6.24 4.49
CA SER A 128 -12.59 7.67 4.62
C SER A 128 -13.82 8.39 5.13
N THR A 129 -14.23 8.08 6.36
CA THR A 129 -15.42 8.68 6.94
C THR A 129 -15.70 8.05 8.28
N GLY A 130 -15.31 6.79 8.41
CA GLY A 130 -15.52 6.07 9.66
C GLY A 130 -14.89 6.75 10.86
N LYS A 131 -15.55 6.62 12.00
CA LYS A 131 -15.04 7.24 13.20
C LYS A 131 -15.06 6.32 14.41
N VAL A 132 -14.09 6.49 15.29
CA VAL A 132 -14.07 5.73 16.54
C VAL A 132 -14.21 6.87 17.54
N CYS A 133 -15.00 6.68 18.60
CA CYS A 133 -15.17 7.76 19.55
C CYS A 133 -14.69 7.43 20.96
N ASN A 134 -13.87 8.31 21.50
CA ASN A 134 -13.28 8.16 22.83
C ASN A 134 -14.26 7.56 23.83
N PRO A 135 -13.83 6.54 24.59
CA PRO A 135 -14.67 5.87 25.59
C PRO A 135 -15.15 6.82 26.67
N ASP A 136 -14.19 7.50 27.27
CA ASP A 136 -14.43 8.45 28.34
C ASP A 136 -14.99 9.79 27.88
N ASN A 137 -15.53 9.85 26.66
CA ASN A 137 -16.13 11.07 26.11
C ASN A 137 -16.71 10.86 24.72
N PRO A 138 -17.91 10.28 24.67
CA PRO A 138 -18.68 9.97 23.47
C PRO A 138 -18.63 11.03 22.38
N GLN A 139 -18.10 12.21 22.71
CA GLN A 139 -18.05 13.27 21.72
C GLN A 139 -16.68 13.52 21.11
N GLU A 140 -15.65 12.92 21.68
CA GLU A 140 -14.32 13.07 21.11
C GLU A 140 -14.20 11.89 20.14
N CYS A 141 -14.55 12.14 18.88
CA CYS A 141 -14.45 11.11 17.84
C CYS A 141 -13.24 11.41 16.95
N LEU A 142 -12.63 10.37 16.41
CA LEU A 142 -11.48 10.56 15.55
C LEU A 142 -11.61 9.84 14.21
N LEU A 143 -11.34 10.58 13.15
CA LEU A 143 -11.39 10.05 11.80
C LEU A 143 -10.07 9.29 11.69
N LEU A 144 -9.86 8.51 10.63
CA LEU A 144 -8.59 7.80 10.53
C LEU A 144 -7.47 8.78 10.16
N GLU A 145 -7.83 9.91 9.55
CA GLU A 145 -6.84 10.91 9.18
C GLU A 145 -7.25 12.34 9.55
N PRO A 146 -6.65 12.91 10.60
CA PRO A 146 -5.63 12.21 11.39
C PRO A 146 -6.26 11.79 12.71
N GLY A 147 -5.47 11.27 13.62
CA GLY A 147 -6.04 10.85 14.89
C GLY A 147 -5.69 9.40 15.07
N LEU A 148 -6.53 8.50 14.56
CA LEU A 148 -6.20 7.10 14.65
C LEU A 148 -4.80 7.05 14.07
N ASN A 149 -4.55 7.87 13.06
CA ASN A 149 -3.26 7.94 12.39
C ASN A 149 -2.17 8.60 13.23
N GLU A 150 -2.35 9.86 13.63
CA GLU A 150 -1.29 10.53 14.43
C GLU A 150 -0.87 9.67 15.63
N ILE A 151 -1.87 9.06 16.29
CA ILE A 151 -1.64 8.21 17.44
C ILE A 151 -0.79 7.01 17.08
N MET A 152 -1.28 6.17 16.16
CA MET A 152 -0.56 4.97 15.71
C MET A 152 0.82 5.27 15.14
N ALA A 153 1.13 6.55 14.96
CA ALA A 153 2.42 6.95 14.43
C ALA A 153 3.29 7.64 15.46
N ASN A 154 2.68 8.12 16.55
CA ASN A 154 3.40 8.82 17.61
C ASN A 154 3.25 8.25 19.03
N SER A 155 2.04 8.08 19.50
CA SER A 155 1.80 7.55 20.83
C SER A 155 2.80 6.45 21.19
N LEU A 156 3.21 6.46 22.46
CA LEU A 156 4.13 5.44 22.99
C LEU A 156 3.36 4.72 24.11
N ASP A 157 2.16 5.15 24.38
CA ASP A 157 1.38 4.50 25.41
C ASP A 157 0.81 3.19 24.90
N TYR A 158 1.49 2.08 25.17
CA TYR A 158 1.01 0.76 24.73
C TYR A 158 -0.53 0.67 24.76
N ASN A 159 -1.14 1.50 25.60
CA ASN A 159 -2.60 1.51 25.75
C ASN A 159 -3.31 2.40 24.74
N GLU A 160 -2.79 3.60 24.51
CA GLU A 160 -3.37 4.52 23.53
C GLU A 160 -3.21 3.75 22.22
N ARG A 161 -1.97 3.35 21.93
CA ARG A 161 -1.69 2.59 20.74
C ARG A 161 -2.74 1.50 20.61
N LEU A 162 -2.91 0.74 21.67
CA LEU A 162 -3.84 -0.39 21.65
C LEU A 162 -5.31 -0.09 21.38
N TRP A 163 -5.87 0.93 22.01
CA TRP A 163 -7.28 1.25 21.77
C TRP A 163 -7.42 1.55 20.27
N ALA A 164 -6.76 2.62 19.83
CA ALA A 164 -6.76 3.06 18.43
C ALA A 164 -6.81 1.86 17.48
N TRP A 165 -5.78 1.03 17.56
CA TRP A 165 -5.66 -0.17 16.73
C TRP A 165 -6.93 -1.01 16.73
N GLU A 166 -7.34 -1.46 17.91
CA GLU A 166 -8.53 -2.30 18.05
C GLU A 166 -9.83 -1.58 17.64
N SER A 167 -10.06 -0.42 18.25
CA SER A 167 -11.25 0.37 17.97
C SER A 167 -11.48 0.51 16.47
N TRP A 168 -10.48 1.00 15.75
CA TRP A 168 -10.59 1.16 14.30
C TRP A 168 -11.08 -0.12 13.68
N ARG A 169 -10.36 -1.22 13.88
CA ARG A 169 -10.76 -2.51 13.31
C ARG A 169 -12.11 -2.95 13.84
N SER A 170 -12.39 -2.62 15.11
CA SER A 170 -13.65 -2.99 15.74
C SER A 170 -14.84 -2.17 15.26
N GLU A 171 -14.76 -0.86 15.40
CA GLU A 171 -15.83 0.01 14.95
C GLU A 171 -16.02 -0.11 13.44
N VAL A 172 -15.09 0.44 12.66
CA VAL A 172 -15.24 0.38 11.22
C VAL A 172 -14.96 -0.99 10.61
N GLY A 173 -13.79 -1.54 10.89
CA GLY A 173 -13.46 -2.84 10.33
C GLY A 173 -14.63 -3.78 10.17
N LYS A 174 -15.37 -3.98 11.25
CA LYS A 174 -16.50 -4.89 11.27
C LYS A 174 -17.58 -4.57 10.25
N GLN A 175 -17.83 -3.29 10.04
CA GLN A 175 -18.84 -2.87 9.08
C GLN A 175 -18.44 -3.39 7.72
N LEU A 176 -17.16 -3.22 7.40
CA LEU A 176 -16.63 -3.67 6.13
C LEU A 176 -16.92 -5.14 5.86
N ARG A 177 -16.64 -6.00 6.82
CA ARG A 177 -16.84 -7.41 6.64
C ARG A 177 -17.97 -7.80 5.67
N PRO A 178 -19.24 -7.69 6.11
CA PRO A 178 -20.42 -8.04 5.30
C PRO A 178 -20.29 -7.76 3.83
N LEU A 179 -19.90 -6.54 3.51
CA LEU A 179 -19.75 -6.13 2.12
C LEU A 179 -18.52 -6.71 1.47
N TYR A 180 -17.51 -7.06 2.26
CA TYR A 180 -16.30 -7.61 1.65
C TYR A 180 -16.65 -9.01 1.19
N GLU A 181 -17.39 -9.72 2.02
CA GLU A 181 -17.80 -11.06 1.67
C GLU A 181 -18.50 -10.99 0.31
N GLU A 182 -19.41 -10.04 0.14
CA GLU A 182 -20.11 -9.91 -1.15
C GLU A 182 -19.15 -9.47 -2.25
N TYR A 183 -18.17 -8.65 -1.88
CA TYR A 183 -17.22 -8.13 -2.84
C TYR A 183 -16.40 -9.22 -3.53
N VAL A 184 -15.78 -10.11 -2.77
CA VAL A 184 -14.98 -11.16 -3.39
C VAL A 184 -15.86 -11.95 -4.35
N VAL A 185 -17.05 -12.32 -3.90
CA VAL A 185 -18.01 -13.06 -4.72
C VAL A 185 -18.28 -12.34 -6.04
N LEU A 186 -19.00 -11.23 -5.96
CA LEU A 186 -19.34 -10.47 -7.16
C LEU A 186 -18.13 -10.26 -8.07
N LYS A 187 -17.06 -9.73 -7.49
CA LYS A 187 -15.85 -9.45 -8.25
C LYS A 187 -15.30 -10.74 -8.89
N ASN A 188 -15.39 -11.85 -8.16
CA ASN A 188 -14.90 -13.15 -8.63
C ASN A 188 -15.66 -13.57 -9.88
N GLU A 189 -16.99 -13.57 -9.77
CA GLU A 189 -17.86 -13.93 -10.87
C GLU A 189 -17.48 -13.12 -12.11
N MET A 190 -17.22 -11.84 -11.93
CA MET A 190 -16.84 -10.97 -13.03
C MET A 190 -15.53 -11.47 -13.63
N ALA A 191 -14.57 -11.78 -12.76
CA ALA A 191 -13.27 -12.26 -13.19
C ALA A 191 -13.38 -13.54 -14.00
N ARG A 192 -13.67 -14.64 -13.30
CA ARG A 192 -13.79 -15.95 -13.91
C ARG A 192 -14.66 -15.98 -15.15
N ALA A 193 -15.72 -15.19 -15.18
CA ALA A 193 -16.59 -15.17 -16.35
C ALA A 193 -15.89 -14.38 -17.44
N ASN A 194 -14.62 -14.09 -17.22
CA ASN A 194 -13.80 -13.36 -18.19
C ASN A 194 -12.58 -14.17 -18.58
N HIS A 195 -12.66 -15.47 -18.36
CA HIS A 195 -11.60 -16.38 -18.73
C HIS A 195 -10.42 -16.37 -17.78
N TYR A 196 -10.68 -16.10 -16.50
CA TYR A 196 -9.61 -16.09 -15.49
C TYR A 196 -10.02 -17.03 -14.38
N GLU A 197 -9.05 -17.47 -13.58
CA GLU A 197 -9.31 -18.39 -12.48
C GLU A 197 -10.03 -17.75 -11.33
N ASP A 198 -9.86 -16.45 -11.19
CA ASP A 198 -10.49 -15.66 -10.14
C ASP A 198 -10.10 -14.21 -10.34
N TYR A 199 -10.39 -13.37 -9.36
CA TYR A 199 -10.04 -11.98 -9.49
C TYR A 199 -8.53 -11.82 -9.33
N GLY A 200 -7.94 -12.60 -8.42
CA GLY A 200 -6.51 -12.51 -8.20
C GLY A 200 -5.77 -12.82 -9.48
N ASP A 201 -6.20 -13.87 -10.16
CA ASP A 201 -5.59 -14.27 -11.42
C ASP A 201 -5.68 -13.07 -12.35
N TYR A 202 -6.72 -12.26 -12.14
CA TYR A 202 -6.90 -11.05 -12.93
C TYR A 202 -5.81 -10.00 -12.61
N TRP A 203 -5.73 -9.56 -11.35
CA TRP A 203 -4.72 -8.57 -11.00
C TRP A 203 -3.32 -9.08 -11.32
N ARG A 204 -3.16 -10.39 -11.44
CA ARG A 204 -1.85 -10.94 -11.74
C ARG A 204 -1.69 -10.74 -13.22
N GLY A 205 -2.81 -10.40 -13.85
CA GLY A 205 -2.84 -10.17 -15.27
C GLY A 205 -1.82 -9.11 -15.59
N ASP A 206 -2.02 -7.92 -15.04
CA ASP A 206 -1.13 -6.76 -15.24
C ASP A 206 0.29 -7.11 -15.61
N TYR A 207 0.87 -8.07 -14.90
CA TYR A 207 2.25 -8.48 -15.18
C TYR A 207 2.46 -9.36 -16.42
N GLU A 208 1.38 -9.88 -16.97
CA GLU A 208 1.46 -10.76 -18.13
C GLU A 208 1.85 -10.15 -19.47
N VAL A 209 2.65 -10.90 -20.22
CA VAL A 209 3.11 -10.53 -21.55
C VAL A 209 3.14 -11.82 -22.37
N ASN A 210 2.59 -11.78 -23.58
CA ASN A 210 2.54 -12.95 -24.47
C ASN A 210 3.27 -12.64 -25.76
N GLY A 211 2.54 -12.02 -26.69
CA GLY A 211 3.09 -11.68 -27.97
C GLY A 211 4.57 -12.00 -28.21
N VAL A 212 5.44 -11.25 -27.57
CA VAL A 212 6.87 -11.45 -27.70
C VAL A 212 7.34 -12.77 -27.13
N ASP A 213 8.34 -13.36 -27.78
CA ASP A 213 8.90 -14.64 -27.39
C ASP A 213 10.24 -14.41 -26.68
N GLY A 214 10.43 -15.10 -25.56
CA GLY A 214 11.67 -14.93 -24.82
C GLY A 214 11.46 -13.79 -23.86
N TYR A 215 10.31 -13.15 -24.00
CA TYR A 215 9.94 -12.03 -23.17
C TYR A 215 8.61 -12.33 -22.56
N ASP A 216 7.96 -13.37 -23.05
CA ASP A 216 6.67 -13.75 -22.52
C ASP A 216 6.81 -13.98 -21.01
N TYR A 217 5.82 -13.51 -20.26
CA TYR A 217 5.78 -13.69 -18.80
C TYR A 217 4.34 -14.16 -18.52
N SER A 218 4.19 -15.21 -17.73
CA SER A 218 2.86 -15.74 -17.43
C SER A 218 2.31 -15.25 -16.10
N ARG A 219 1.01 -15.44 -15.89
CA ARG A 219 0.43 -15.00 -14.64
C ARG A 219 0.84 -15.88 -13.48
N GLY A 220 0.69 -17.19 -13.64
CA GLY A 220 1.06 -18.09 -12.57
C GLY A 220 2.50 -17.90 -12.14
N GLN A 221 3.28 -17.28 -13.02
CA GLN A 221 4.69 -17.00 -12.75
C GLN A 221 4.80 -15.95 -11.65
N LEU A 222 4.30 -14.73 -11.92
CA LEU A 222 4.33 -13.63 -10.96
C LEU A 222 4.31 -14.19 -9.53
N ILE A 223 3.47 -15.20 -9.29
CA ILE A 223 3.43 -15.76 -7.95
C ILE A 223 4.81 -16.30 -7.60
N GLU A 224 5.10 -17.52 -8.05
CA GLU A 224 6.36 -18.18 -7.75
C GLU A 224 7.62 -17.35 -8.01
N ASP A 225 7.45 -16.22 -8.66
CA ASP A 225 8.59 -15.35 -8.92
C ASP A 225 8.77 -14.46 -7.69
N VAL A 226 7.67 -14.19 -6.99
CA VAL A 226 7.70 -13.41 -5.75
C VAL A 226 8.19 -14.36 -4.66
N GLU A 227 7.69 -15.59 -4.73
CA GLU A 227 8.07 -16.66 -3.82
C GLU A 227 9.59 -16.70 -3.75
N HIS A 228 10.21 -17.13 -4.85
CA HIS A 228 11.66 -17.25 -4.96
C HIS A 228 12.37 -16.00 -4.45
N THR A 229 12.07 -14.86 -5.07
CA THR A 229 12.69 -13.61 -4.67
C THR A 229 12.49 -13.30 -3.17
N PHE A 230 11.51 -13.93 -2.54
CA PHE A 230 11.22 -13.70 -1.13
C PHE A 230 12.20 -14.36 -0.16
N GLU A 231 12.75 -15.52 -0.57
CA GLU A 231 13.71 -16.26 0.26
C GLU A 231 14.90 -15.36 0.54
N GLU A 232 15.61 -14.96 -0.49
CA GLU A 232 16.77 -14.12 -0.27
C GLU A 232 16.45 -12.86 0.54
N ILE A 233 15.17 -12.59 0.75
CA ILE A 233 14.75 -11.41 1.50
C ILE A 233 14.55 -11.70 2.97
N LYS A 234 14.24 -12.95 3.30
CA LYS A 234 14.00 -13.35 4.67
C LYS A 234 15.16 -13.09 5.62
N PRO A 235 16.35 -13.66 5.36
CA PRO A 235 17.46 -13.38 6.28
C PRO A 235 17.49 -11.92 6.74
N LEU A 236 17.71 -11.01 5.81
CA LEU A 236 17.75 -9.59 6.11
C LEU A 236 16.55 -9.09 6.91
N TYR A 237 15.42 -9.78 6.78
CA TYR A 237 14.21 -9.37 7.50
C TYR A 237 14.36 -9.80 8.93
N GLU A 238 14.47 -11.11 9.13
CA GLU A 238 14.62 -11.68 10.46
C GLU A 238 15.54 -10.83 11.30
N HIS A 239 16.81 -10.71 10.93
CA HIS A 239 17.68 -9.90 11.76
C HIS A 239 17.15 -8.50 11.98
N LEU A 240 16.41 -7.97 11.02
CA LEU A 240 15.87 -6.62 11.16
C LEU A 240 14.68 -6.67 12.09
N HIS A 241 13.96 -7.79 12.07
CA HIS A 241 12.77 -8.00 12.91
C HIS A 241 13.18 -8.36 14.33
N ALA A 242 14.14 -9.28 14.44
CA ALA A 242 14.65 -9.72 15.74
C ALA A 242 15.50 -8.62 16.40
N TYR A 243 15.82 -7.57 15.66
CA TYR A 243 16.59 -6.47 16.20
C TYR A 243 15.65 -5.44 16.76
N VAL A 244 14.47 -5.32 16.16
CA VAL A 244 13.50 -4.33 16.61
C VAL A 244 12.47 -4.94 17.54
N ARG A 245 12.72 -6.16 17.98
CA ARG A 245 11.85 -6.84 18.93
C ARG A 245 12.59 -6.53 20.20
N ALA A 246 13.86 -6.23 20.01
CA ALA A 246 14.73 -5.86 21.10
C ALA A 246 14.33 -4.46 21.49
N LYS A 247 14.96 -3.47 20.86
CA LYS A 247 14.68 -2.07 21.15
C LYS A 247 13.21 -1.72 21.31
N LEU A 248 12.35 -2.71 21.03
CA LEU A 248 10.90 -2.53 21.19
C LEU A 248 10.52 -3.03 22.58
N MET A 249 11.26 -4.03 23.08
CA MET A 249 11.03 -4.53 24.44
C MET A 249 11.48 -3.38 25.34
N ASN A 250 12.62 -2.79 24.98
CA ASN A 250 13.24 -1.70 25.70
C ASN A 250 12.31 -0.54 25.99
N ALA A 251 11.17 -0.49 25.31
CA ALA A 251 10.24 0.61 25.53
C ALA A 251 8.81 0.15 25.73
N TYR A 252 8.66 -1.14 26.02
CA TYR A 252 7.36 -1.78 26.29
C TYR A 252 7.64 -3.11 27.01
N PRO A 253 8.53 -3.09 28.02
CA PRO A 253 8.93 -4.25 28.80
C PRO A 253 7.76 -4.97 29.43
N SER A 254 7.81 -6.30 29.42
CA SER A 254 6.75 -7.15 29.98
C SER A 254 5.64 -7.36 28.96
N TYR A 255 5.81 -6.79 27.78
CA TYR A 255 4.82 -6.87 26.72
C TYR A 255 5.23 -7.72 25.51
N ILE A 256 6.52 -7.75 25.21
CA ILE A 256 6.96 -8.52 24.05
C ILE A 256 8.04 -9.56 24.36
N SER A 257 7.73 -10.81 24.02
CA SER A 257 8.64 -11.93 24.23
C SER A 257 9.91 -11.89 23.38
N PRO A 258 11.07 -12.12 23.99
CA PRO A 258 12.28 -12.08 23.16
C PRO A 258 12.31 -13.27 22.19
N ILE A 259 11.14 -13.80 21.83
CA ILE A 259 11.07 -14.94 20.92
C ILE A 259 9.77 -15.10 20.08
N GLY A 260 8.91 -14.08 20.05
CA GLY A 260 7.68 -14.24 19.29
C GLY A 260 6.94 -13.03 18.72
N CYS A 261 7.20 -12.75 17.45
CA CYS A 261 6.59 -11.66 16.68
C CYS A 261 5.82 -10.58 17.41
N LEU A 262 6.39 -9.36 17.39
CA LEU A 262 5.79 -8.20 18.06
C LEU A 262 4.30 -8.02 17.88
N PRO A 263 3.66 -7.29 18.80
CA PRO A 263 2.22 -7.02 18.74
C PRO A 263 1.88 -5.99 17.65
N ALA A 264 0.81 -6.24 16.92
CA ALA A 264 0.38 -5.39 15.81
C ALA A 264 0.26 -3.86 15.97
N HIS A 265 0.14 -3.37 17.19
CA HIS A 265 -0.05 -1.93 17.37
C HIS A 265 1.16 -1.07 17.72
N LEU A 266 2.34 -1.66 17.77
CA LEU A 266 3.53 -0.88 18.12
C LEU A 266 4.45 -0.75 16.92
N LEU A 267 3.93 -1.13 15.76
CA LEU A 267 4.69 -1.12 14.53
C LEU A 267 5.00 0.22 13.89
N GLY A 268 4.37 1.29 14.36
CA GLY A 268 4.67 2.59 13.79
C GLY A 268 3.56 3.17 12.94
N ASP A 269 2.49 2.40 12.76
CA ASP A 269 1.32 2.84 12.00
C ASP A 269 0.22 1.80 11.96
N MET A 270 -1.01 2.27 11.84
CA MET A 270 -2.19 1.42 11.85
C MET A 270 -2.07 -0.01 11.39
N TRP A 271 -1.16 -0.32 10.47
CA TRP A 271 -1.07 -1.69 10.02
C TRP A 271 0.31 -2.31 10.19
N GLY A 272 1.32 -1.46 10.32
CA GLY A 272 2.64 -2.01 10.47
C GLY A 272 3.16 -2.25 9.08
N ARG A 273 2.48 -1.64 8.12
CA ARG A 273 2.88 -1.73 6.72
C ARG A 273 4.24 -1.11 6.61
N PHE A 274 4.46 -0.04 7.39
CA PHE A 274 5.75 0.66 7.43
C PHE A 274 6.22 0.90 8.86
N TRP A 275 7.39 0.35 9.20
CA TRP A 275 7.97 0.50 10.52
C TRP A 275 8.85 1.75 10.53
N THR A 276 8.52 2.72 9.71
CA THR A 276 9.38 3.89 9.65
C THR A 276 9.28 4.81 10.87
N ASN A 277 8.19 4.71 11.61
CA ASN A 277 8.05 5.57 12.79
C ASN A 277 8.69 5.00 14.05
N LEU A 278 9.08 3.73 14.01
CA LEU A 278 9.76 3.08 15.13
C LEU A 278 11.19 3.50 14.98
N TYR A 279 11.43 4.69 14.46
CA TYR A 279 12.81 5.13 14.25
C TYR A 279 13.50 5.59 15.53
N SER A 280 12.77 6.35 16.35
CA SER A 280 13.28 6.89 17.61
C SER A 280 13.46 5.81 18.66
N LEU A 281 12.77 4.69 18.46
CA LEU A 281 12.86 3.55 19.37
C LEU A 281 13.95 2.58 18.89
N THR A 282 14.40 2.74 17.64
CA THR A 282 15.40 1.84 17.08
C THR A 282 16.66 2.47 16.51
N VAL A 283 16.72 3.81 16.48
CA VAL A 283 17.91 4.50 15.98
C VAL A 283 19.11 3.80 16.64
N PRO A 284 20.07 3.31 15.83
CA PRO A 284 21.25 2.61 16.34
C PRO A 284 22.24 3.45 17.16
N PHE A 285 22.31 4.75 16.86
CA PHE A 285 23.19 5.66 17.57
C PHE A 285 22.46 6.99 17.69
N GLY A 286 21.34 6.95 18.42
CA GLY A 286 20.49 8.12 18.62
C GLY A 286 21.06 9.49 18.95
N GLN A 287 22.38 9.62 19.05
CA GLN A 287 22.96 10.92 19.39
C GLN A 287 23.58 11.68 18.22
N LYS A 288 23.79 11.00 17.10
CA LYS A 288 24.34 11.66 15.93
C LYS A 288 23.17 12.48 15.38
N PRO A 289 23.43 13.43 14.49
CA PRO A 289 22.38 14.27 13.90
C PRO A 289 21.22 13.50 13.27
N ASN A 290 20.04 13.62 13.87
CA ASN A 290 18.83 12.94 13.39
C ASN A 290 18.77 13.06 11.88
N ILE A 291 18.55 11.91 11.25
CA ILE A 291 18.46 11.83 9.80
C ILE A 291 16.99 11.64 9.41
N ASP A 292 16.12 12.11 10.31
CA ASP A 292 14.68 12.08 10.13
C ASP A 292 14.28 13.55 10.19
N VAL A 293 14.72 14.28 9.17
CA VAL A 293 14.46 15.72 9.05
C VAL A 293 12.99 16.11 9.17
N THR A 294 12.25 15.36 9.96
CA THR A 294 10.83 15.62 10.17
C THR A 294 10.77 16.81 11.09
N ASP A 295 11.81 16.94 11.90
CA ASP A 295 11.93 18.03 12.89
C ASP A 295 12.50 19.30 12.24
N ALA A 296 13.65 19.18 11.60
CA ALA A 296 14.28 20.32 10.94
C ALA A 296 13.27 21.04 10.06
N MET A 297 12.31 20.28 9.53
CA MET A 297 11.28 20.82 8.65
C MET A 297 10.34 21.79 9.37
N VAL A 298 10.05 21.49 10.63
CA VAL A 298 9.17 22.35 11.41
C VAL A 298 9.92 23.60 11.85
N ASP A 299 11.15 23.41 12.33
CA ASP A 299 11.97 24.54 12.76
C ASP A 299 12.48 25.26 11.53
N GLN A 300 11.60 25.43 10.54
CA GLN A 300 11.91 26.10 9.29
C GLN A 300 10.56 26.44 8.69
N ALA A 301 9.52 25.96 9.39
CA ALA A 301 8.13 26.17 9.00
C ALA A 301 7.86 25.79 7.55
N TRP A 302 8.13 24.54 7.21
CA TRP A 302 7.90 24.04 5.86
C TRP A 302 6.42 23.75 5.70
N ASP A 303 5.84 24.13 4.57
CA ASP A 303 4.42 23.85 4.33
C ASP A 303 4.21 22.90 3.15
N ALA A 304 2.95 22.66 2.80
CA ALA A 304 2.62 21.79 1.71
C ALA A 304 3.40 22.23 0.48
N GLN A 305 2.99 23.36 -0.10
CA GLN A 305 3.66 23.89 -1.28
C GLN A 305 5.17 23.70 -1.22
N ARG A 306 5.83 24.42 -0.32
CA ARG A 306 7.28 24.31 -0.18
C ARG A 306 7.78 22.89 -0.41
N ILE A 307 7.02 21.91 0.07
CA ILE A 307 7.40 20.50 -0.09
C ILE A 307 7.26 20.07 -1.55
N PHE A 308 6.03 20.08 -2.04
CA PHE A 308 5.76 19.71 -3.42
C PHE A 308 6.51 20.61 -4.40
N LYS A 309 7.20 21.61 -3.87
CA LYS A 309 7.95 22.53 -4.70
C LYS A 309 9.39 22.09 -4.65
N GLU A 310 9.80 21.64 -3.48
CA GLU A 310 11.16 21.16 -3.30
C GLU A 310 11.28 19.80 -3.96
N ALA A 311 10.13 19.16 -4.19
CA ALA A 311 10.09 17.84 -4.83
C ALA A 311 10.15 18.04 -6.34
N GLU A 312 9.24 18.86 -6.85
CA GLU A 312 9.17 19.17 -8.27
C GLU A 312 10.53 19.69 -8.71
N LYS A 313 11.25 20.26 -7.76
CA LYS A 313 12.57 20.79 -8.05
C LYS A 313 13.53 19.65 -8.36
N PHE A 314 13.25 18.46 -7.86
CA PHE A 314 14.11 17.31 -8.09
C PHE A 314 14.04 16.81 -9.53
N PHE A 315 12.84 16.46 -10.00
CA PHE A 315 12.67 15.97 -11.35
C PHE A 315 13.26 16.93 -12.39
N VAL A 316 13.06 18.23 -12.16
CA VAL A 316 13.57 19.23 -13.07
C VAL A 316 15.11 19.27 -13.07
N SER A 317 15.71 18.71 -12.03
CA SER A 317 17.17 18.71 -11.94
C SER A 317 17.75 17.59 -12.79
N VAL A 318 16.91 16.61 -13.12
CA VAL A 318 17.35 15.50 -13.94
C VAL A 318 16.50 15.37 -15.20
N GLY A 319 16.43 16.46 -15.96
CA GLY A 319 15.67 16.46 -17.18
C GLY A 319 14.22 16.82 -16.94
N LEU A 320 13.39 15.79 -16.81
CA LEU A 320 11.94 15.92 -16.60
C LEU A 320 11.45 17.34 -16.28
N PRO A 321 10.34 17.74 -16.91
CA PRO A 321 9.68 19.04 -16.79
C PRO A 321 9.23 19.47 -15.40
N ASN A 322 8.68 20.68 -15.31
CA ASN A 322 8.17 21.21 -14.04
C ASN A 322 6.69 20.86 -14.06
N MET A 323 6.07 20.80 -12.90
CA MET A 323 4.65 20.49 -12.85
C MET A 323 3.92 21.57 -13.64
N THR A 324 2.85 21.19 -14.33
CA THR A 324 2.09 22.15 -15.13
C THR A 324 1.30 23.10 -14.25
N GLN A 325 1.12 24.33 -14.71
CA GLN A 325 0.39 25.32 -13.95
C GLN A 325 -1.06 24.89 -13.71
N GLY A 326 -1.50 23.83 -14.40
CA GLY A 326 -2.85 23.33 -14.22
C GLY A 326 -2.86 22.46 -12.98
N PHE A 327 -1.75 21.77 -12.75
CA PHE A 327 -1.60 20.93 -11.58
C PHE A 327 -1.61 21.79 -10.34
N TRP A 328 -0.77 22.81 -10.33
CA TRP A 328 -0.66 23.73 -9.21
C TRP A 328 -1.96 24.40 -8.87
N GLU A 329 -2.91 24.40 -9.81
CA GLU A 329 -4.19 25.05 -9.59
C GLU A 329 -5.38 24.13 -9.35
N ASN A 330 -5.16 22.85 -9.07
CA ASN A 330 -6.28 21.95 -8.80
C ASN A 330 -5.91 20.88 -7.79
N SER A 331 -4.62 20.60 -7.66
CA SER A 331 -4.19 19.60 -6.71
C SER A 331 -4.60 20.04 -5.32
N MET A 332 -5.14 19.12 -4.53
CA MET A 332 -5.53 19.40 -3.15
C MET A 332 -4.40 18.86 -2.29
N LEU A 333 -3.48 19.73 -1.88
CA LEU A 333 -2.30 19.32 -1.10
C LEU A 333 -2.38 19.45 0.43
N THR A 334 -3.60 19.51 0.98
CA THR A 334 -3.84 19.62 2.41
C THR A 334 -5.32 19.44 2.68
N ASP A 335 -5.62 18.66 3.73
CA ASP A 335 -7.01 18.40 4.09
C ASP A 335 -7.72 19.74 4.29
N PRO A 336 -8.86 19.94 3.60
CA PRO A 336 -9.60 21.19 3.75
C PRO A 336 -10.22 21.27 5.15
N GLY A 337 -9.84 20.32 6.00
CA GLY A 337 -10.32 20.25 7.37
C GLY A 337 -11.81 20.05 7.47
N ASN A 338 -12.41 20.61 8.51
CA ASN A 338 -13.85 20.52 8.69
C ASN A 338 -14.43 21.31 7.53
N VAL A 339 -15.64 20.94 7.10
CA VAL A 339 -16.28 21.59 5.95
C VAL A 339 -15.72 20.92 4.70
N GLN A 340 -16.35 19.83 4.29
CA GLN A 340 -15.93 19.07 3.11
C GLN A 340 -14.99 17.95 3.56
N LYS A 341 -15.41 16.72 3.30
CA LYS A 341 -14.64 15.53 3.65
C LYS A 341 -14.20 14.77 2.41
N ALA A 342 -12.89 14.67 2.22
CA ALA A 342 -12.30 14.00 1.05
C ALA A 342 -11.40 12.83 1.42
N VAL A 343 -11.33 11.80 0.58
CA VAL A 343 -10.44 10.68 0.92
C VAL A 343 -9.05 11.31 1.00
N CYS A 344 -8.42 11.17 2.17
CA CYS A 344 -7.10 11.78 2.38
C CYS A 344 -5.89 11.02 1.90
N HIS A 345 -6.11 9.76 1.50
CA HIS A 345 -5.03 8.92 0.99
C HIS A 345 -4.43 9.66 -0.20
N PRO A 346 -3.11 9.88 -0.18
CA PRO A 346 -2.41 10.58 -1.28
C PRO A 346 -2.56 9.85 -2.60
N THR A 347 -3.12 10.52 -3.58
CA THR A 347 -3.28 9.87 -4.87
C THR A 347 -2.89 10.82 -5.99
N ALA A 348 -2.23 10.31 -7.02
CA ALA A 348 -1.83 11.14 -8.16
C ALA A 348 -2.84 10.92 -9.26
N TRP A 349 -3.62 11.94 -9.59
CA TRP A 349 -4.64 11.80 -10.61
C TRP A 349 -4.23 12.11 -12.03
N ASP A 350 -4.87 11.42 -12.97
CA ASP A 350 -4.67 11.61 -14.39
C ASP A 350 -6.07 11.66 -14.96
N LEU A 351 -6.54 12.85 -15.28
CA LEU A 351 -7.88 12.96 -15.82
C LEU A 351 -7.80 13.02 -17.35
N GLY A 352 -6.58 12.89 -17.85
CA GLY A 352 -6.34 12.93 -19.27
C GLY A 352 -6.62 14.32 -19.79
N LYS A 353 -6.62 14.48 -21.11
CA LYS A 353 -6.88 15.77 -21.73
C LYS A 353 -5.87 16.81 -21.23
N GLY A 354 -4.75 16.33 -20.72
CA GLY A 354 -3.71 17.22 -20.23
C GLY A 354 -3.89 17.69 -18.81
N ASP A 355 -4.91 17.16 -18.14
CA ASP A 355 -5.20 17.54 -16.76
C ASP A 355 -4.54 16.66 -15.69
N PHE A 356 -3.53 17.20 -15.01
CA PHE A 356 -2.81 16.47 -13.97
C PHE A 356 -3.04 17.07 -12.57
N ARG A 357 -3.40 16.21 -11.61
CA ARG A 357 -3.65 16.67 -10.25
C ARG A 357 -3.18 15.64 -9.21
N ILE A 358 -3.05 16.08 -7.97
CA ILE A 358 -2.66 15.20 -6.87
C ILE A 358 -3.47 15.56 -5.64
N LEU A 359 -4.17 14.59 -5.07
CA LEU A 359 -4.97 14.83 -3.88
C LEU A 359 -4.27 14.21 -2.67
N MET A 360 -3.69 15.07 -1.83
CA MET A 360 -2.98 14.59 -0.65
C MET A 360 -3.11 15.54 0.54
N CYS A 361 -3.56 15.02 1.68
CA CYS A 361 -3.68 15.84 2.88
C CYS A 361 -2.28 15.88 3.46
N THR A 362 -1.42 16.68 2.82
CA THR A 362 -0.03 16.81 3.22
C THR A 362 0.18 17.31 4.63
N LYS A 363 1.19 16.75 5.27
CA LYS A 363 1.54 17.10 6.62
C LYS A 363 3.05 17.36 6.54
N VAL A 364 3.59 18.11 7.51
CA VAL A 364 5.01 18.41 7.51
C VAL A 364 5.80 17.35 8.27
N THR A 365 5.89 16.17 7.67
CA THR A 365 6.60 15.02 8.23
C THR A 365 7.67 14.70 7.21
N MET A 366 8.61 13.80 7.53
CA MET A 366 9.61 13.42 6.53
C MET A 366 8.94 12.35 5.65
N ASP A 367 7.87 11.77 6.20
CA ASP A 367 7.10 10.77 5.50
C ASP A 367 6.45 11.49 4.35
N ASP A 368 5.75 12.58 4.66
CA ASP A 368 5.07 13.35 3.62
C ASP A 368 6.04 14.08 2.70
N PHE A 369 7.31 14.11 3.06
CA PHE A 369 8.30 14.76 2.20
C PHE A 369 8.60 13.80 1.05
N LEU A 370 8.77 12.52 1.39
CA LEU A 370 9.04 11.47 0.43
C LEU A 370 7.81 11.08 -0.38
N THR A 371 6.68 10.89 0.29
CA THR A 371 5.45 10.51 -0.43
C THR A 371 5.15 11.51 -1.54
N ALA A 372 5.64 12.73 -1.37
CA ALA A 372 5.44 13.77 -2.38
C ALA A 372 6.29 13.36 -3.58
N HIS A 373 7.53 12.93 -3.33
CA HIS A 373 8.42 12.49 -4.39
C HIS A 373 7.82 11.26 -5.04
N HIS A 374 6.95 10.58 -4.31
CA HIS A 374 6.34 9.42 -4.87
C HIS A 374 5.27 9.96 -5.77
N GLU A 375 4.14 10.32 -5.17
CA GLU A 375 3.01 10.86 -5.92
C GLU A 375 3.44 11.66 -7.13
N MET A 376 4.40 12.56 -6.95
CA MET A 376 4.87 13.37 -8.08
C MET A 376 5.36 12.39 -9.17
N GLY A 377 6.29 11.50 -8.81
CA GLY A 377 6.79 10.51 -9.76
C GLY A 377 5.65 9.93 -10.58
N HIS A 378 4.56 9.58 -9.93
CA HIS A 378 3.43 9.04 -10.67
C HIS A 378 3.12 10.00 -11.80
N ILE A 379 3.03 11.26 -11.46
CA ILE A 379 2.71 12.28 -12.42
C ILE A 379 3.75 12.38 -13.52
N GLN A 380 5.00 12.58 -13.15
CA GLN A 380 6.07 12.71 -14.13
C GLN A 380 6.00 11.58 -15.13
N TYR A 381 5.41 10.47 -14.73
CA TYR A 381 5.25 9.31 -15.59
C TYR A 381 3.99 9.56 -16.43
N ASP A 382 2.84 9.65 -15.78
CA ASP A 382 1.58 9.92 -16.48
C ASP A 382 1.78 10.90 -17.63
N MET A 383 2.66 11.89 -17.44
CA MET A 383 2.95 12.88 -18.47
C MET A 383 3.83 12.22 -19.51
N ALA A 384 4.98 11.74 -19.07
CA ALA A 384 5.95 11.08 -19.92
C ALA A 384 5.33 10.11 -20.91
N TYR A 385 4.13 9.61 -20.65
CA TYR A 385 3.54 8.68 -21.62
C TYR A 385 2.20 9.20 -22.13
N ALA A 386 1.97 10.49 -21.91
CA ALA A 386 0.74 11.15 -22.34
C ALA A 386 0.64 11.06 -23.86
N ALA A 387 1.71 11.49 -24.53
CA ALA A 387 1.79 11.45 -25.97
C ALA A 387 1.90 9.98 -26.37
N GLN A 388 0.80 9.25 -26.34
CA GLN A 388 0.84 7.83 -26.65
C GLN A 388 -0.60 7.34 -26.74
N PRO A 389 -0.90 6.43 -27.68
CA PRO A 389 -2.26 5.94 -27.81
C PRO A 389 -2.94 5.75 -26.45
N PHE A 390 -4.01 6.51 -26.22
CA PHE A 390 -4.76 6.46 -24.97
C PHE A 390 -4.86 5.10 -24.31
N LEU A 391 -5.39 4.12 -25.03
CA LEU A 391 -5.55 2.80 -24.46
C LEU A 391 -4.24 2.05 -24.37
N LEU A 392 -3.17 2.77 -24.11
CA LEU A 392 -1.87 2.14 -24.02
C LEU A 392 -0.96 2.90 -23.09
N ARG A 393 -1.30 4.16 -22.82
CA ARG A 393 -0.53 4.99 -21.89
C ARG A 393 -0.82 4.44 -20.49
N ASN A 394 0.14 3.72 -19.91
CA ASN A 394 -0.11 3.11 -18.62
C ASN A 394 1.02 2.32 -17.97
N GLY A 395 2.26 2.76 -18.11
CA GLY A 395 3.35 2.04 -17.45
C GLY A 395 3.48 0.57 -17.76
N ALA A 396 4.71 0.13 -17.94
CA ALA A 396 4.98 -1.26 -18.28
C ALA A 396 4.15 -2.21 -17.45
N ASN A 397 3.94 -1.84 -16.19
CA ASN A 397 3.12 -2.59 -15.24
C ASN A 397 3.10 -1.82 -13.92
N GLU A 398 2.17 -2.19 -13.04
CA GLU A 398 2.05 -1.55 -11.73
C GLU A 398 3.39 -1.37 -11.03
N GLY A 399 4.18 -2.43 -10.91
CA GLY A 399 5.47 -2.28 -10.28
C GLY A 399 6.13 -0.99 -10.78
N PHE A 400 6.32 -0.92 -12.09
CA PHE A 400 6.93 0.24 -12.73
C PHE A 400 6.40 1.59 -12.28
N HIS A 401 5.09 1.74 -12.23
CA HIS A 401 4.48 3.01 -11.84
C HIS A 401 4.81 3.34 -10.39
N GLU A 402 4.67 2.34 -9.52
CA GLU A 402 4.97 2.52 -8.12
C GLU A 402 6.48 2.67 -8.03
N ALA A 403 7.19 1.78 -8.71
CA ALA A 403 8.64 1.78 -8.69
C ALA A 403 9.33 3.05 -9.17
N VAL A 404 8.58 4.09 -9.51
CA VAL A 404 9.23 5.28 -10.06
C VAL A 404 9.53 6.37 -9.07
N GLY A 405 8.56 6.72 -8.26
CA GLY A 405 8.78 7.78 -7.28
C GLY A 405 9.73 7.32 -6.21
N GLU A 406 9.88 6.00 -6.09
CA GLU A 406 10.77 5.41 -5.10
C GLU A 406 12.21 5.42 -5.56
N ILE A 407 12.42 5.78 -6.82
CA ILE A 407 13.76 5.87 -7.37
C ILE A 407 14.30 7.23 -7.01
N MET A 408 13.39 8.12 -6.63
CA MET A 408 13.70 9.49 -6.22
C MET A 408 13.92 9.47 -4.72
N SER A 409 12.89 9.08 -3.96
CA SER A 409 12.99 9.00 -2.51
C SER A 409 14.27 8.27 -2.08
N LEU A 410 14.76 7.41 -2.96
CA LEU A 410 15.97 6.66 -2.66
C LEU A 410 17.16 7.60 -2.69
N SER A 411 17.11 8.52 -3.62
CA SER A 411 18.18 9.49 -3.78
C SER A 411 17.92 10.72 -2.90
N ALA A 412 16.67 11.17 -2.87
CA ALA A 412 16.30 12.35 -2.10
C ALA A 412 15.89 12.00 -0.67
N ALA A 413 16.82 11.39 0.06
CA ALA A 413 16.60 10.99 1.45
C ALA A 413 17.97 10.65 1.99
N THR A 414 18.93 10.56 1.09
CA THR A 414 20.28 10.27 1.48
C THR A 414 20.75 11.50 2.23
N PRO A 415 21.52 11.30 3.32
CA PRO A 415 22.01 12.45 4.09
C PRO A 415 22.58 13.44 3.09
N LYS A 416 23.39 12.93 2.16
CA LYS A 416 23.99 13.76 1.11
C LYS A 416 22.97 14.76 0.59
N HIS A 417 21.98 14.28 -0.16
CA HIS A 417 20.97 15.17 -0.69
C HIS A 417 20.37 16.02 0.39
N LEU A 418 19.64 15.36 1.30
CA LEU A 418 18.99 16.05 2.41
C LEU A 418 19.87 17.16 2.96
N LYS A 419 21.17 16.89 3.04
CA LYS A 419 22.11 17.88 3.54
C LYS A 419 22.06 19.11 2.64
N SER A 420 22.57 18.97 1.42
CA SER A 420 22.58 20.08 0.48
C SER A 420 21.22 20.75 0.29
N ILE A 421 20.14 19.98 0.33
CA ILE A 421 18.83 20.57 0.14
C ILE A 421 18.48 21.60 1.21
N GLY A 422 18.87 21.34 2.46
CA GLY A 422 18.59 22.28 3.53
C GLY A 422 18.34 21.73 4.93
N LEU A 423 17.58 20.65 5.01
CA LEU A 423 17.24 20.03 6.30
C LEU A 423 18.43 19.35 6.97
N LEU A 424 19.62 19.90 6.79
CA LEU A 424 20.81 19.28 7.39
C LEU A 424 22.13 20.06 7.16
N SER A 425 22.09 21.39 7.35
CA SER A 425 23.28 22.24 7.16
C SER A 425 24.58 21.55 7.61
N PRO A 426 25.70 21.85 6.91
CA PRO A 426 27.05 21.29 7.15
C PRO A 426 27.12 20.23 8.24
N ASP A 427 26.72 19.01 7.89
CA ASP A 427 26.69 17.91 8.84
C ASP A 427 27.96 17.09 8.98
N PHE A 428 28.15 16.57 10.18
CA PHE A 428 29.30 15.75 10.55
C PHE A 428 29.73 14.82 9.42
N GLN A 429 30.63 15.31 8.58
CA GLN A 429 31.15 14.55 7.45
C GLN A 429 30.13 13.52 6.97
N GLU A 430 30.37 12.26 7.29
CA GLU A 430 29.48 11.18 6.90
C GLU A 430 29.85 9.96 7.73
N ASP A 431 30.29 10.22 8.96
CA ASP A 431 30.69 9.17 9.90
C ASP A 431 30.31 7.76 9.48
N ASN A 432 31.27 6.85 9.56
CA ASN A 432 31.03 5.47 9.19
C ASN A 432 29.82 4.95 9.98
N GLU A 433 29.35 5.76 10.93
CA GLU A 433 28.22 5.39 11.78
C GLU A 433 26.90 6.04 11.39
N THR A 434 26.96 7.20 10.75
CA THR A 434 25.73 7.85 10.33
C THR A 434 25.14 6.96 9.25
N GLU A 435 25.95 6.02 8.77
CA GLU A 435 25.57 5.06 7.73
C GLU A 435 24.58 4.02 8.25
N ILE A 436 25.03 3.18 9.19
CA ILE A 436 24.15 2.16 9.75
C ILE A 436 22.95 2.89 10.31
N ASN A 437 23.15 4.16 10.59
CA ASN A 437 22.12 5.01 11.15
C ASN A 437 21.07 5.30 10.09
N PHE A 438 21.51 5.83 8.95
CA PHE A 438 20.60 6.15 7.86
C PHE A 438 19.99 4.90 7.24
N LEU A 439 20.84 3.93 6.96
CA LEU A 439 20.43 2.67 6.36
C LEU A 439 19.42 1.87 7.20
N LEU A 440 19.36 2.11 8.51
CA LEU A 440 18.41 1.36 9.35
C LEU A 440 17.02 1.95 9.16
N LYS A 441 16.97 3.25 8.88
CA LYS A 441 15.67 3.87 8.67
C LYS A 441 15.07 3.21 7.43
N GLN A 442 15.78 3.34 6.31
CA GLN A 442 15.38 2.76 5.04
C GLN A 442 14.83 1.37 5.29
N ALA A 443 15.69 0.51 5.83
CA ALA A 443 15.31 -0.87 6.11
C ALA A 443 13.94 -0.88 6.76
N LEU A 444 13.78 0.03 7.72
CA LEU A 444 12.54 0.17 8.45
C LEU A 444 11.39 0.38 7.47
N THR A 445 11.60 1.25 6.50
CA THR A 445 10.57 1.54 5.51
C THR A 445 10.46 0.50 4.39
N ILE A 446 11.59 0.22 3.74
CA ILE A 446 11.61 -0.72 2.62
C ILE A 446 11.55 -2.19 2.99
N VAL A 447 12.41 -2.67 3.87
CA VAL A 447 12.36 -4.10 4.22
C VAL A 447 11.19 -4.37 5.12
N GLY A 448 10.85 -3.40 5.94
CA GLY A 448 9.73 -3.59 6.83
C GLY A 448 8.51 -4.05 6.07
N THR A 449 8.22 -3.33 4.99
CA THR A 449 7.05 -3.60 4.15
C THR A 449 6.99 -4.88 3.30
N LEU A 450 8.13 -5.34 2.77
CA LEU A 450 8.15 -6.53 1.92
C LEU A 450 7.38 -7.74 2.44
N PRO A 451 7.66 -8.18 3.67
CA PRO A 451 6.93 -9.33 4.20
C PRO A 451 5.46 -8.98 4.46
N PHE A 452 5.21 -7.73 4.83
CA PHE A 452 3.83 -7.28 5.09
C PHE A 452 3.09 -7.15 3.77
N THR A 453 3.82 -6.61 2.79
CA THR A 453 3.31 -6.37 1.46
C THR A 453 2.99 -7.65 0.78
N TYR A 454 3.85 -8.64 0.97
CA TYR A 454 3.69 -9.96 0.39
C TYR A 454 2.50 -10.70 0.98
N MET A 455 2.61 -11.02 2.26
CA MET A 455 1.60 -11.75 3.02
C MET A 455 0.18 -11.30 2.73
N LEU A 456 -0.08 -10.00 2.81
CA LEU A 456 -1.41 -9.45 2.54
C LEU A 456 -1.93 -9.87 1.16
N GLU A 457 -1.15 -9.64 0.12
CA GLU A 457 -1.60 -10.03 -1.22
C GLU A 457 -1.79 -11.54 -1.32
N LYS A 458 -0.95 -12.30 -0.62
CA LYS A 458 -1.09 -13.74 -0.67
C LYS A 458 -2.48 -14.08 -0.17
N TRP A 459 -2.77 -13.71 1.07
CA TRP A 459 -4.09 -13.98 1.63
C TRP A 459 -5.18 -13.51 0.66
N ARG A 460 -4.92 -12.34 0.07
CA ARG A 460 -5.82 -11.69 -0.88
C ARG A 460 -6.05 -12.63 -2.08
N TRP A 461 -4.99 -13.35 -2.47
CA TRP A 461 -5.08 -14.32 -3.57
C TRP A 461 -5.81 -15.56 -3.10
N MET A 462 -5.29 -16.16 -2.03
CA MET A 462 -5.86 -17.35 -1.43
C MET A 462 -7.38 -17.27 -1.42
N VAL A 463 -7.89 -16.13 -0.99
CA VAL A 463 -9.34 -15.94 -0.90
C VAL A 463 -10.03 -16.00 -2.26
N PHE A 464 -9.62 -15.15 -3.19
CA PHE A 464 -10.21 -15.14 -4.51
C PHE A 464 -10.09 -16.55 -5.09
N LYS A 465 -8.91 -17.14 -4.90
CA LYS A 465 -8.60 -18.49 -5.35
C LYS A 465 -9.65 -19.39 -4.75
N GLY A 466 -9.63 -19.50 -3.43
CA GLY A 466 -10.61 -20.31 -2.73
C GLY A 466 -10.05 -20.98 -1.49
N GLU A 467 -8.73 -21.12 -1.47
CA GLU A 467 -8.01 -21.77 -0.38
C GLU A 467 -8.39 -21.31 1.03
N ILE A 468 -9.33 -20.39 1.12
CA ILE A 468 -9.76 -19.87 2.42
C ILE A 468 -11.27 -19.56 2.40
N PRO A 469 -12.08 -20.50 2.92
CA PRO A 469 -13.54 -20.40 3.00
C PRO A 469 -13.97 -19.33 3.99
N LYS A 470 -14.98 -18.57 3.60
CA LYS A 470 -15.49 -17.49 4.42
C LYS A 470 -15.32 -17.65 5.92
N ASP A 471 -15.56 -18.85 6.44
CA ASP A 471 -15.42 -19.09 7.88
C ASP A 471 -14.00 -19.22 8.38
N GLN A 472 -13.02 -18.95 7.52
CA GLN A 472 -11.63 -19.05 7.91
C GLN A 472 -10.79 -17.87 7.45
N TRP A 473 -11.39 -16.69 7.35
CA TRP A 473 -10.66 -15.50 6.90
C TRP A 473 -9.74 -14.90 7.95
N MET A 474 -10.28 -14.56 9.11
CA MET A 474 -9.46 -13.97 10.17
C MET A 474 -8.60 -15.07 10.76
N LYS A 475 -8.91 -16.30 10.34
CA LYS A 475 -8.19 -17.49 10.74
C LYS A 475 -6.81 -17.41 10.10
N LYS A 476 -6.71 -17.80 8.83
CA LYS A 476 -5.44 -17.78 8.10
C LYS A 476 -4.73 -16.45 8.23
N TRP A 477 -5.51 -15.37 8.27
CA TRP A 477 -4.94 -14.03 8.35
C TRP A 477 -3.95 -13.80 9.48
N TRP A 478 -4.28 -14.29 10.66
CA TRP A 478 -3.39 -14.09 11.78
C TRP A 478 -2.39 -15.21 11.95
N GLU A 479 -2.75 -16.39 11.46
CA GLU A 479 -1.86 -17.54 11.47
C GLU A 479 -0.71 -16.99 10.63
N MET A 480 -1.09 -16.51 9.44
CA MET A 480 -0.19 -15.91 8.45
C MET A 480 0.59 -14.72 9.00
N LYS A 481 -0.12 -13.72 9.48
CA LYS A 481 0.56 -12.56 10.04
C LYS A 481 1.67 -13.07 10.97
N ARG A 482 1.49 -14.29 11.47
CA ARG A 482 2.44 -14.90 12.40
C ARG A 482 3.66 -15.61 11.79
N GLU A 483 3.45 -16.51 10.84
CA GLU A 483 4.61 -17.19 10.25
C GLU A 483 5.44 -16.23 9.40
N ILE A 484 4.81 -15.75 8.32
CA ILE A 484 5.39 -14.83 7.33
C ILE A 484 5.79 -13.44 7.83
N VAL A 485 4.81 -12.57 8.07
CA VAL A 485 5.14 -11.23 8.51
C VAL A 485 5.95 -11.25 9.78
N GLY A 486 5.55 -12.14 10.69
CA GLY A 486 6.22 -12.26 11.97
C GLY A 486 5.58 -11.26 12.90
N VAL A 487 4.25 -11.31 12.98
CA VAL A 487 3.49 -10.40 13.83
C VAL A 487 2.24 -11.08 14.39
N VAL A 488 1.89 -10.72 15.63
CA VAL A 488 0.72 -11.29 16.32
C VAL A 488 -0.29 -10.22 16.74
N GLU A 489 -1.54 -10.65 16.87
CA GLU A 489 -2.64 -9.77 17.24
C GLU A 489 -2.85 -9.61 18.74
N PRO A 490 -3.05 -8.35 19.22
CA PRO A 490 -3.28 -7.98 20.62
C PRO A 490 -4.63 -8.43 21.18
N VAL A 491 -5.51 -8.89 20.29
CA VAL A 491 -6.84 -9.32 20.70
C VAL A 491 -7.43 -10.32 19.73
N PRO A 492 -7.89 -11.46 20.22
CA PRO A 492 -8.47 -12.46 19.32
C PRO A 492 -9.57 -11.84 18.48
N HIS A 493 -9.42 -11.90 17.16
CA HIS A 493 -10.43 -11.35 16.28
C HIS A 493 -11.27 -12.46 15.65
N ASP A 494 -12.53 -12.46 16.02
CA ASP A 494 -13.54 -13.40 15.55
C ASP A 494 -13.79 -13.18 14.04
N GLU A 495 -14.42 -14.14 13.37
CA GLU A 495 -14.71 -14.01 11.95
C GLU A 495 -15.85 -13.00 11.74
N THR A 496 -15.95 -12.07 12.68
CA THR A 496 -16.96 -11.02 12.61
C THR A 496 -16.21 -9.83 12.01
N TYR A 497 -14.90 -9.83 12.27
CA TYR A 497 -13.98 -8.79 11.81
C TYR A 497 -13.70 -8.78 10.33
N CYS A 498 -12.57 -8.17 9.98
CA CYS A 498 -12.14 -8.07 8.61
C CYS A 498 -10.94 -7.12 8.55
N ASP A 499 -9.97 -7.41 9.39
CA ASP A 499 -8.76 -6.63 9.49
C ASP A 499 -8.09 -6.31 8.16
N PRO A 500 -8.08 -7.27 7.22
CA PRO A 500 -7.43 -6.92 5.96
C PRO A 500 -8.36 -6.15 5.03
N ALA A 501 -9.25 -5.35 5.61
CA ALA A 501 -10.20 -4.55 4.85
C ALA A 501 -10.28 -3.19 5.50
N SER A 502 -9.25 -2.86 6.25
CA SER A 502 -9.17 -1.59 6.94
C SER A 502 -7.85 -0.95 6.58
N LEU A 503 -7.29 -1.41 5.46
CA LEU A 503 -6.03 -0.90 4.96
C LEU A 503 -6.26 -0.32 3.59
N PHE A 504 -7.14 0.69 3.50
CA PHE A 504 -7.42 1.35 2.22
C PHE A 504 -7.33 0.38 1.05
N HIS A 505 -6.14 0.33 0.44
CA HIS A 505 -5.84 -0.56 -0.67
C HIS A 505 -6.82 -1.70 -0.79
N VAL A 506 -7.09 -2.39 0.31
CA VAL A 506 -8.05 -3.46 0.23
C VAL A 506 -9.42 -2.85 -0.10
N SER A 507 -10.11 -2.32 0.90
CA SER A 507 -11.43 -1.74 0.71
C SER A 507 -11.71 -0.84 -0.50
N ASN A 508 -10.68 -0.45 -1.26
CA ASN A 508 -10.88 0.43 -2.43
C ASN A 508 -10.23 -0.19 -3.66
N ASP A 509 -10.29 -1.50 -3.77
CA ASP A 509 -9.66 -2.23 -4.86
C ASP A 509 -8.16 -2.10 -4.81
N TYR A 510 -7.53 -1.45 -5.78
CA TYR A 510 -6.07 -1.32 -5.75
C TYR A 510 -5.28 -2.60 -5.43
N SER A 511 -4.64 -3.17 -6.45
CA SER A 511 -3.85 -4.37 -6.24
C SER A 511 -2.76 -3.96 -5.25
N PHE A 512 -2.19 -4.91 -4.53
CA PHE A 512 -1.17 -4.52 -3.57
C PHE A 512 0.25 -4.94 -3.91
N ILE A 513 0.40 -6.07 -4.59
CA ILE A 513 1.71 -6.60 -4.97
C ILE A 513 2.61 -5.66 -5.79
N ARG A 514 2.07 -4.59 -6.34
CA ARG A 514 2.90 -3.64 -7.10
C ARG A 514 3.96 -3.06 -6.17
N TYR A 515 3.65 -3.04 -4.88
CA TYR A 515 4.56 -2.52 -3.86
C TYR A 515 5.68 -3.48 -3.61
N TYR A 516 5.40 -4.76 -3.78
CA TYR A 516 6.44 -5.75 -3.61
C TYR A 516 7.41 -5.59 -4.78
N THR A 517 6.85 -5.75 -5.98
CA THR A 517 7.57 -5.64 -7.26
C THR A 517 8.25 -4.30 -7.40
N ARG A 518 7.53 -3.24 -7.06
CA ARG A 518 8.09 -1.91 -7.13
C ARG A 518 9.35 -1.82 -6.29
N THR A 519 9.36 -2.47 -5.13
CA THR A 519 10.49 -2.43 -4.22
C THR A 519 11.75 -2.98 -4.83
N LEU A 520 11.62 -4.12 -5.54
CA LEU A 520 12.79 -4.70 -6.20
C LEU A 520 13.17 -3.94 -7.46
N TYR A 521 12.19 -3.51 -8.26
CA TYR A 521 12.53 -2.75 -9.47
C TYR A 521 13.36 -1.58 -8.98
N GLN A 522 12.79 -0.86 -8.03
CA GLN A 522 13.39 0.29 -7.41
C GLN A 522 14.93 0.28 -7.39
N PHE A 523 15.54 -0.77 -6.85
CA PHE A 523 17.00 -0.80 -6.78
C PHE A 523 17.75 -1.19 -8.05
N GLN A 524 17.07 -1.87 -8.96
CA GLN A 524 17.66 -2.27 -10.23
C GLN A 524 17.85 -0.99 -11.01
N PHE A 525 16.79 -0.18 -11.07
CA PHE A 525 16.84 1.09 -11.79
C PHE A 525 17.85 2.06 -11.17
N GLN A 526 18.11 1.87 -9.89
CA GLN A 526 19.03 2.75 -9.19
C GLN A 526 20.47 2.32 -9.40
N GLU A 527 20.72 1.02 -9.50
CA GLU A 527 22.08 0.56 -9.70
C GLU A 527 22.53 0.86 -11.11
N ALA A 528 21.59 1.30 -11.93
CA ALA A 528 21.87 1.61 -13.33
C ALA A 528 22.07 3.10 -13.56
N LEU A 529 21.18 3.92 -13.00
CA LEU A 529 21.26 5.37 -13.14
C LEU A 529 22.48 5.98 -12.43
N CYS A 530 22.86 5.43 -11.29
CA CYS A 530 24.03 5.94 -10.58
C CYS A 530 25.15 5.78 -11.57
N GLN A 531 25.27 4.57 -12.09
CA GLN A 531 26.29 4.25 -13.09
C GLN A 531 26.03 5.03 -14.38
N ALA A 532 24.93 5.78 -14.39
CA ALA A 532 24.55 6.59 -15.55
C ALA A 532 24.64 8.06 -15.17
N ALA A 533 25.37 8.32 -14.09
CA ALA A 533 25.59 9.68 -13.60
C ALA A 533 27.00 9.63 -13.05
N LYS A 534 27.65 8.51 -13.36
CA LYS A 534 29.01 8.25 -12.91
C LYS A 534 29.14 8.37 -11.40
N HIS A 535 28.70 7.32 -10.70
CA HIS A 535 28.76 7.27 -9.24
C HIS A 535 29.90 6.33 -8.89
N GLU A 536 30.44 6.43 -7.69
CA GLU A 536 31.54 5.54 -7.33
C GLU A 536 31.55 5.11 -5.89
N GLY A 537 30.38 4.75 -5.38
CA GLY A 537 30.30 4.29 -4.01
C GLY A 537 29.16 3.32 -3.98
N PRO A 538 28.75 2.87 -2.80
CA PRO A 538 27.62 1.94 -2.78
C PRO A 538 26.42 2.76 -3.22
N LEU A 539 25.39 2.13 -3.76
CA LEU A 539 24.24 2.90 -4.22
C LEU A 539 23.50 3.65 -3.11
N HIS A 540 23.77 3.31 -1.85
CA HIS A 540 23.13 3.97 -0.71
C HIS A 540 23.97 5.21 -0.36
N LYS A 541 24.59 5.76 -1.39
CA LYS A 541 25.43 6.94 -1.25
C LYS A 541 25.25 7.63 -2.58
N CYS A 542 24.45 7.00 -3.42
CA CYS A 542 24.21 7.51 -4.74
C CYS A 542 23.24 8.68 -4.79
N ASP A 543 23.76 9.81 -5.28
CA ASP A 543 23.01 11.04 -5.44
C ASP A 543 22.00 10.89 -6.56
N ILE A 544 22.39 11.29 -7.78
CA ILE A 544 21.58 11.20 -9.00
C ILE A 544 20.91 12.53 -9.36
N SER A 545 21.05 13.51 -8.48
CA SER A 545 20.44 14.81 -8.71
C SER A 545 21.28 15.62 -9.72
N ASN A 546 20.60 16.42 -10.54
CA ASN A 546 21.24 17.28 -11.56
C ASN A 546 21.74 16.54 -12.81
N SER A 547 21.78 15.22 -12.74
CA SER A 547 22.24 14.39 -13.85
C SER A 547 21.17 14.13 -14.90
N THR A 548 21.30 14.76 -16.07
CA THR A 548 20.35 14.55 -17.16
C THR A 548 20.75 13.23 -17.79
N GLU A 549 22.00 12.88 -17.57
CA GLU A 549 22.53 11.62 -18.07
C GLU A 549 21.56 10.59 -17.52
N ALA A 550 21.16 10.80 -16.26
CA ALA A 550 20.23 9.93 -15.57
C ALA A 550 18.77 10.26 -15.93
N GLY A 551 18.39 11.51 -15.70
CA GLY A 551 17.03 11.90 -16.03
C GLY A 551 16.71 11.39 -17.42
N GLN A 552 17.55 11.79 -18.38
CA GLN A 552 17.37 11.41 -19.78
C GLN A 552 17.10 9.93 -19.94
N LYS A 553 18.05 9.10 -19.51
CA LYS A 553 17.86 7.66 -19.62
C LYS A 553 16.42 7.33 -19.20
N LEU A 554 16.16 7.36 -17.90
CA LEU A 554 14.82 7.06 -17.40
C LEU A 554 13.71 7.64 -18.28
N PHE A 555 13.92 8.84 -18.80
CA PHE A 555 12.91 9.48 -19.65
C PHE A 555 12.56 8.59 -20.83
N ASN A 556 13.59 8.23 -21.58
CA ASN A 556 13.48 7.39 -22.76
C ASN A 556 12.77 6.08 -22.43
N MET A 557 12.55 5.85 -21.13
CA MET A 557 11.89 4.65 -20.61
C MET A 557 10.42 4.89 -20.33
N LEU A 558 10.16 5.95 -19.57
CA LEU A 558 8.80 6.31 -19.19
C LEU A 558 7.88 6.54 -20.38
N ARG A 559 8.38 7.28 -21.36
CA ARG A 559 7.57 7.61 -22.52
C ARG A 559 6.94 6.45 -23.27
N LEU A 560 7.57 5.28 -23.29
CA LEU A 560 6.99 4.16 -24.01
C LEU A 560 5.63 3.66 -23.50
N GLY A 561 5.10 4.23 -22.43
CA GLY A 561 3.81 3.79 -21.89
C GLY A 561 3.84 2.29 -21.61
N LYS A 562 2.77 1.58 -21.98
CA LYS A 562 2.72 0.12 -21.81
C LYS A 562 2.65 -0.53 -23.19
N SER A 563 3.47 -0.02 -24.09
CA SER A 563 3.53 -0.50 -25.46
C SER A 563 4.82 -1.27 -25.68
N GLU A 564 5.24 -2.03 -24.67
CA GLU A 564 6.46 -2.80 -24.78
C GLU A 564 6.52 -3.64 -23.51
N PRO A 565 6.51 -4.97 -23.67
CA PRO A 565 6.56 -5.85 -22.49
C PRO A 565 7.57 -5.31 -21.48
N TRP A 566 7.14 -5.21 -20.22
CA TRP A 566 8.00 -4.69 -19.16
C TRP A 566 9.31 -5.42 -19.08
N THR A 567 9.27 -6.70 -19.45
CA THR A 567 10.47 -7.54 -19.44
C THR A 567 11.50 -6.93 -20.39
N LEU A 568 11.08 -6.62 -21.60
CA LEU A 568 11.97 -6.01 -22.58
C LEU A 568 12.37 -4.64 -22.03
N ALA A 569 11.37 -3.84 -21.69
CA ALA A 569 11.60 -2.50 -21.16
C ALA A 569 12.63 -2.54 -20.05
N LEU A 570 12.43 -3.44 -19.10
CA LEU A 570 13.33 -3.58 -17.98
C LEU A 570 14.72 -3.82 -18.55
N GLU A 571 14.81 -4.84 -19.40
CA GLU A 571 16.06 -5.23 -20.05
C GLU A 571 16.76 -4.07 -20.74
N ASN A 572 15.98 -3.27 -21.46
CA ASN A 572 16.55 -2.13 -22.17
C ASN A 572 17.01 -1.01 -21.25
N VAL A 573 16.61 -1.06 -19.98
CA VAL A 573 17.02 -0.02 -19.05
C VAL A 573 18.12 -0.49 -18.13
N VAL A 574 17.84 -1.58 -17.41
CA VAL A 574 18.81 -2.15 -16.46
C VAL A 574 19.06 -3.62 -16.79
N GLY A 575 20.24 -3.91 -17.33
CA GLY A 575 20.59 -5.28 -17.68
C GLY A 575 19.49 -6.34 -17.72
N ALA A 576 19.19 -6.93 -16.57
CA ALA A 576 18.17 -7.97 -16.46
C ALA A 576 16.84 -7.65 -17.14
N LYS A 577 16.10 -8.72 -17.44
CA LYS A 577 14.79 -8.65 -18.08
C LYS A 577 13.78 -9.24 -17.12
N ASN A 578 14.08 -9.14 -15.83
CA ASN A 578 13.17 -9.64 -14.80
C ASN A 578 13.62 -9.19 -13.41
N MET A 579 12.72 -9.36 -12.45
CA MET A 579 12.91 -8.98 -11.06
C MET A 579 14.14 -9.59 -10.38
N ASN A 580 15.05 -8.71 -9.96
CA ASN A 580 16.30 -9.10 -9.30
C ASN A 580 16.34 -8.59 -7.86
N VAL A 581 16.53 -9.50 -6.92
CA VAL A 581 16.58 -9.14 -5.52
C VAL A 581 17.97 -8.66 -5.07
N ARG A 582 19.02 -9.15 -5.72
CA ARG A 582 20.38 -8.78 -5.34
C ARG A 582 20.76 -7.29 -5.28
N PRO A 583 20.30 -6.46 -6.21
CA PRO A 583 20.74 -5.07 -6.02
C PRO A 583 20.23 -4.54 -4.69
N LEU A 584 19.09 -5.06 -4.23
CA LEU A 584 18.54 -4.62 -2.96
C LEU A 584 19.47 -5.15 -1.88
N LEU A 585 19.67 -6.46 -1.85
CA LEU A 585 20.55 -7.09 -0.89
C LEU A 585 21.89 -6.37 -0.80
N ASN A 586 22.27 -5.69 -1.89
CA ASN A 586 23.53 -4.94 -1.96
C ASN A 586 23.42 -3.61 -1.22
N TYR A 587 22.25 -3.00 -1.33
CA TYR A 587 21.98 -1.72 -0.69
C TYR A 587 22.12 -1.93 0.82
N PHE A 588 21.44 -2.95 1.31
CA PHE A 588 21.45 -3.23 2.72
C PHE A 588 22.54 -4.20 3.17
N GLU A 589 23.55 -4.46 2.37
CA GLU A 589 24.60 -5.39 2.83
C GLU A 589 25.35 -4.86 4.04
N PRO A 590 25.65 -3.53 4.07
CA PRO A 590 26.35 -2.93 5.21
C PRO A 590 25.54 -3.08 6.49
N LEU A 591 24.27 -2.69 6.41
CA LEU A 591 23.34 -2.77 7.53
C LEU A 591 23.10 -4.20 7.97
N PHE A 592 23.11 -5.14 7.02
CA PHE A 592 22.87 -6.53 7.34
C PHE A 592 23.97 -7.10 8.23
N THR A 593 25.20 -7.10 7.73
CA THR A 593 26.33 -7.63 8.48
C THR A 593 26.46 -7.04 9.89
N TRP A 594 25.96 -5.81 10.06
CA TRP A 594 25.98 -5.10 11.34
C TRP A 594 24.84 -5.63 12.19
N LEU A 595 23.68 -5.86 11.56
CA LEU A 595 22.53 -6.40 12.26
C LEU A 595 22.99 -7.75 12.76
N LYS A 596 23.89 -8.36 11.99
CA LYS A 596 24.44 -9.65 12.34
C LYS A 596 25.09 -9.48 13.72
N ASP A 597 26.00 -8.51 13.82
CA ASP A 597 26.68 -8.22 15.08
C ASP A 597 25.65 -7.93 16.14
N GLN A 598 25.16 -6.69 16.17
CA GLN A 598 24.16 -6.30 17.15
C GLN A 598 23.31 -7.47 17.62
N ASN A 599 22.79 -8.26 16.68
CA ASN A 599 21.94 -9.39 17.01
C ASN A 599 22.63 -10.59 17.66
N LYS A 600 23.96 -10.69 17.53
CA LYS A 600 24.74 -11.82 18.07
C LYS A 600 24.17 -12.43 19.35
N ASN A 601 23.81 -11.56 20.29
CA ASN A 601 23.23 -11.99 21.57
C ASN A 601 21.72 -12.23 21.45
N SER A 602 21.03 -11.33 20.75
CA SER A 602 19.57 -11.43 20.56
C SER A 602 19.19 -12.62 19.64
N PHE A 603 17.94 -13.08 19.76
CA PHE A 603 17.45 -14.22 18.97
C PHE A 603 16.88 -13.85 17.61
N VAL A 604 17.36 -14.52 16.57
CA VAL A 604 16.87 -14.26 15.22
C VAL A 604 15.81 -15.29 14.83
N GLY A 605 14.57 -14.84 14.78
CA GLY A 605 13.45 -15.70 14.46
C GLY A 605 12.33 -15.37 15.42
N TRP A 606 11.19 -16.03 15.27
CA TRP A 606 10.05 -15.76 16.14
C TRP A 606 9.14 -16.97 16.31
N SER A 607 8.31 -16.93 17.35
CA SER A 607 7.37 -18.00 17.66
C SER A 607 5.98 -17.82 17.05
N THR A 608 5.51 -18.84 16.35
CA THR A 608 4.21 -18.82 15.71
C THR A 608 3.14 -19.32 16.68
N ASP A 609 3.49 -19.36 17.96
CA ASP A 609 2.56 -19.82 19.00
C ASP A 609 2.45 -18.88 20.19
N TRP A 610 3.30 -17.86 20.23
CA TRP A 610 3.30 -16.90 21.33
C TRP A 610 1.91 -16.30 21.55
N SER A 611 1.89 -15.07 22.06
CA SER A 611 0.66 -14.33 22.34
C SER A 611 0.93 -13.30 23.44
N PRO A 612 0.42 -12.06 23.26
CA PRO A 612 0.60 -11.00 24.25
C PRO A 612 -0.60 -10.95 25.20
N TYR A 613 -1.64 -11.71 24.86
CA TYR A 613 -2.87 -11.74 25.65
C TYR A 613 -3.20 -13.11 26.24
N ALA A 614 -2.90 -14.19 25.53
CA ALA A 614 -3.19 -15.54 26.01
C ALA A 614 -2.47 -15.76 27.35
N ASP A 615 -1.71 -14.76 27.77
CA ASP A 615 -0.97 -14.77 29.02
C ASP A 615 -1.91 -14.45 30.17
N UNK B 1 -5.40 -15.37 30.75
CA UNK B 1 -6.58 -16.11 30.20
C UNK B 1 -6.92 -17.38 31.00
N UNK B 2 -7.95 -18.09 30.55
CA UNK B 2 -8.40 -19.32 31.19
C UNK B 2 -8.86 -20.32 30.13
N UNK B 3 -8.09 -21.39 29.97
CA UNK B 3 -8.36 -22.43 28.96
C UNK B 3 -9.71 -23.10 29.02
N UNK B 4 -9.99 -23.88 27.97
CA UNK B 4 -11.24 -24.62 27.83
C UNK B 4 -11.31 -25.23 26.42
N UNK B 5 -12.21 -26.18 26.21
CA UNK B 5 -12.33 -26.84 24.91
C UNK B 5 -13.80 -27.01 24.46
N UNK B 6 -14.33 -28.21 24.67
CA UNK B 6 -15.71 -28.55 24.29
C UNK B 6 -15.80 -28.96 22.82
N UNK C 1 -13.11 -25.52 21.33
CA UNK C 1 -12.16 -24.99 22.37
C UNK C 1 -12.72 -23.74 23.05
N UNK C 2 -11.87 -23.02 23.77
CA UNK C 2 -12.27 -21.80 24.45
C UNK C 2 -11.13 -21.16 25.23
N UNK C 3 -11.43 -20.01 25.83
CA UNK C 3 -10.46 -19.25 26.62
C UNK C 3 -11.22 -18.01 27.05
N UNK C 4 -10.55 -17.09 27.72
CA UNK C 4 -11.22 -15.88 28.15
C UNK C 4 -10.27 -14.77 28.61
N UNK C 5 -10.69 -13.53 28.38
CA UNK C 5 -9.93 -12.34 28.77
C UNK C 5 -10.95 -11.33 29.31
N UNK C 6 -10.50 -10.34 30.07
CA UNK C 6 -11.42 -9.35 30.64
C UNK C 6 -11.28 -7.91 30.14
N UNK C 7 -12.41 -7.29 29.80
CA UNK C 7 -12.45 -5.91 29.32
C UNK C 7 -12.95 -5.00 30.43
N UNK C 8 -13.62 -3.90 30.06
CA UNK C 8 -14.14 -2.95 31.05
C UNK C 8 -14.73 -1.67 30.45
N UNK C 9 -15.21 -1.74 29.22
CA UNK C 9 -15.78 -0.55 28.56
C UNK C 9 -14.70 0.50 28.28
N UNK C 10 -13.47 0.02 28.08
CA UNK C 10 -12.31 0.86 27.78
C UNK C 10 -11.16 -0.13 27.53
N UNK C 11 -11.54 -1.27 26.97
CA UNK C 11 -10.68 -2.42 26.62
C UNK C 11 -9.18 -2.23 26.49
N UNK C 12 -8.58 -1.59 27.48
CA UNK C 12 -7.15 -1.34 27.49
C UNK C 12 -6.51 -2.37 28.43
N UNK C 13 -7.36 -3.06 29.21
CA UNK C 13 -6.92 -4.08 30.16
C UNK C 13 -7.99 -4.36 31.22
N UNK C 14 -7.77 -5.41 32.01
CA UNK C 14 -8.69 -5.79 33.08
C UNK C 14 -8.06 -6.86 33.97
N UNK C 15 -7.55 -6.42 35.13
CA UNK C 15 -6.89 -7.27 36.11
C UNK C 15 -7.21 -8.76 36.03
N UNK C 16 -6.19 -9.58 36.24
CA UNK C 16 -6.35 -11.03 36.19
C UNK C 16 -6.85 -11.55 37.54
N UNK C 17 -6.21 -12.60 38.04
CA UNK C 17 -6.59 -13.21 39.31
C UNK C 17 -8.06 -13.56 39.28
N UNK C 18 -8.90 -12.58 39.63
CA UNK C 18 -10.34 -12.71 39.64
C UNK C 18 -10.81 -14.01 39.00
N UNK C 19 -10.59 -15.11 39.72
CA UNK C 19 -10.99 -16.41 39.23
C UNK C 19 -12.39 -16.70 39.76
N UNK C 20 -12.58 -16.44 41.05
CA UNK C 20 -13.85 -16.68 41.69
C UNK C 20 -14.98 -16.15 40.80
N UNK D 1 -23.75 -21.22 18.01
CA UNK D 1 -23.45 -19.77 18.07
C UNK D 1 -24.16 -19.11 19.25
N UNK D 2 -25.50 -19.12 19.22
CA UNK D 2 -26.29 -18.51 20.30
C UNK D 2 -25.77 -18.93 21.66
N UNK D 3 -25.61 -20.24 21.86
CA UNK D 3 -25.13 -20.78 23.12
C UNK D 3 -23.86 -20.06 23.55
N UNK D 4 -23.00 -19.75 22.58
CA UNK D 4 -21.75 -19.05 22.85
C UNK D 4 -21.99 -17.65 23.43
N UNK D 5 -22.99 -16.94 22.93
CA UNK D 5 -23.31 -15.62 23.46
C UNK D 5 -23.69 -15.80 24.92
N UNK D 6 -24.73 -16.61 25.13
CA UNK D 6 -25.25 -16.91 26.46
C UNK D 6 -24.13 -17.26 27.44
N UNK D 7 -23.04 -17.83 26.91
CA UNK D 7 -21.90 -18.21 27.73
C UNK D 7 -21.14 -16.96 28.16
N UNK D 8 -20.95 -16.03 27.23
CA UNK D 8 -20.23 -14.80 27.54
C UNK D 8 -21.03 -14.11 28.62
N UNK D 9 -22.34 -14.06 28.40
CA UNK D 9 -23.29 -13.43 29.33
C UNK D 9 -23.03 -13.84 30.78
N UNK D 10 -23.18 -15.14 31.06
CA UNK D 10 -22.98 -15.68 32.40
C UNK D 10 -21.61 -15.29 32.93
N UNK D 11 -20.61 -15.30 32.04
CA UNK D 11 -19.24 -14.94 32.39
C UNK D 11 -19.16 -13.47 32.84
N UNK D 12 -19.92 -12.63 32.14
CA UNK D 12 -19.95 -11.21 32.45
C UNK D 12 -20.60 -11.05 33.81
N UNK D 13 -21.81 -11.61 33.94
CA UNK D 13 -22.58 -11.56 35.18
C UNK D 13 -21.63 -11.81 36.34
N UNK D 14 -20.73 -12.76 36.16
CA UNK D 14 -19.76 -13.11 37.20
C UNK D 14 -19.08 -11.85 37.71
N UNK D 15 -18.29 -11.20 36.85
CA UNK D 15 -17.60 -9.99 37.25
C UNK D 15 -18.62 -8.92 37.61
N UNK D 16 -19.81 -9.02 37.02
CA UNK D 16 -20.90 -8.07 37.25
C UNK D 16 -21.51 -8.20 38.66
N UNK D 17 -20.87 -9.04 39.48
CA UNK D 17 -21.29 -9.28 40.85
C UNK D 17 -20.04 -9.37 41.71
N UNK D 18 -19.36 -8.25 41.90
CA UNK D 18 -18.14 -8.20 42.68
C UNK D 18 -17.57 -6.79 42.73
N UNK E 1 -19.84 -0.70 40.64
CA UNK E 1 -20.61 -0.14 39.48
C UNK E 1 -20.37 -0.95 38.19
N UNK E 2 -19.11 -0.97 37.74
CA UNK E 2 -18.67 -1.67 36.54
C UNK E 2 -19.67 -2.64 35.89
N UNK E 3 -20.22 -2.25 34.76
CA UNK E 3 -21.16 -3.11 34.05
C UNK E 3 -20.41 -3.83 32.95
N UNK E 4 -19.91 -5.02 33.27
CA UNK E 4 -19.17 -5.82 32.30
C UNK E 4 -20.18 -6.54 31.40
N UNK E 5 -19.99 -6.45 30.09
CA UNK E 5 -20.91 -7.07 29.14
C UNK E 5 -20.32 -8.18 28.28
N UNK E 6 -21.17 -8.80 27.46
CA UNK E 6 -20.75 -9.88 26.58
C UNK E 6 -19.58 -9.41 25.74
N UNK E 7 -19.67 -8.15 25.31
CA UNK E 7 -18.65 -7.53 24.50
C UNK E 7 -17.35 -7.26 25.26
N UNK E 8 -17.28 -7.68 26.51
CA UNK E 8 -16.06 -7.44 27.29
C UNK E 8 -15.23 -8.71 27.51
N UNK E 9 -15.72 -9.83 27.01
CA UNK E 9 -15.04 -11.12 27.17
C UNK E 9 -14.32 -11.57 25.89
N UNK E 10 -13.00 -11.38 25.85
CA UNK E 10 -12.19 -11.75 24.69
C UNK E 10 -12.03 -13.28 24.54
N UNK E 11 -12.85 -13.87 23.68
CA UNK E 11 -12.82 -15.32 23.44
C UNK E 11 -11.75 -15.73 22.44
N UNK E 12 -10.99 -16.78 22.75
CA UNK E 12 -9.92 -17.28 21.87
C UNK E 12 -10.12 -18.75 21.48
N UNK E 13 -9.04 -19.40 21.04
CA UNK E 13 -9.08 -20.81 20.61
C UNK E 13 -10.43 -21.13 20.00
N UNK E 14 -11.26 -21.86 20.75
CA UNK E 14 -12.62 -22.24 20.32
C UNK E 14 -12.77 -22.66 18.85
C1 NAG F . 1.72 1.05 -37.45
C2 NAG F . 2.58 2.28 -37.07
C3 NAG F . 1.78 3.37 -36.32
C4 NAG F . 0.46 3.62 -37.01
C5 NAG F . -0.29 2.31 -37.06
C6 NAG F . -1.69 2.45 -37.59
C7 NAG F . 4.17 2.66 -35.28
C8 NAG F . 3.82 2.26 -33.86
N2 NAG F . 3.71 1.87 -36.26
O3 NAG F . 2.53 4.57 -36.29
O4 NAG F . -0.29 4.58 -36.29
O5 NAG F . 0.41 1.41 -37.95
O6 NAG F . -1.71 2.54 -39.01
O7 NAG F . 4.84 3.66 -35.50
C1 NAG G . -18.83 -10.60 -24.87
C2 NAG G . -17.81 -11.63 -25.37
C3 NAG G . -18.51 -12.60 -26.34
C4 NAG G . -19.72 -13.23 -25.66
C5 NAG G . -20.65 -12.13 -25.10
C6 NAG G . -21.83 -12.70 -24.32
C7 NAG G . -15.63 -11.64 -26.43
C8 NAG G . -15.25 -11.55 -27.90
N2 NAG G . -16.71 -10.95 -26.04
O3 NAG G . -17.61 -13.62 -26.74
O4 NAG G . -20.43 -14.03 -26.59
O5 NAG G . -19.93 -11.27 -24.20
O6 NAG G . -21.55 -12.76 -22.93
O7 NAG G . -14.97 -12.33 -25.67
CL CL H . -4.74 -6.04 10.68
ZN ZN I . 1.94 4.96 -5.86
O1 XX5 J . 0.21 4.12 -5.15
C2 XX5 J . -0.35 5.06 -4.65
O3 XX5 J . -0.27 6.18 -5.13
C4 XX5 J . -1.19 4.83 -3.35
C5 XX5 J . -2.71 4.67 -3.54
C6 XX5 J . -3.34 4.66 -4.92
C7 XX5 J . -4.85 4.57 -4.74
C8 XX5 J . -2.92 3.43 -5.73
N9 XX5 J . -0.98 5.87 -2.33
C10 XX5 J . 0.15 5.64 -1.43
C11 XX5 J . 0.25 4.20 -0.82
O12 XX5 J . 1.17 3.48 -1.19
O13 XX5 J . -0.57 3.83 0.00
C14 XX5 J . 0.16 6.70 -0.29
C15 XX5 J . 1.44 6.58 0.51
C16 XX5 J . 2.74 6.61 -0.04
N17 XX5 J . 3.59 6.47 0.98
C18 XX5 J . 2.84 6.36 2.09
N19 XX5 J . 1.52 6.42 1.90
C20 XX5 J . 0.38 6.33 2.92
C21 XX5 J . -0.37 7.59 3.43
C22 XX5 J . 0.32 8.86 3.48
C23 XX5 J . -0.37 10.05 3.95
CL24 XX5 J . 0.46 11.61 4.02
C25 XX5 J . -1.72 10.00 4.38
C26 XX5 J . -1.74 7.58 3.87
C27 XX5 J . -2.42 8.79 4.34
CL28 XX5 J . -4.13 8.77 4.88
#